data_9BZU
# 
_entry.id   9BZU 
# 
_audit_conform.dict_name       mmcif_pdbx.dic 
_audit_conform.dict_version    5.407 
_audit_conform.dict_location   http://mmcif.pdb.org/dictionaries/ascii/mmcif_pdbx.dic 
# 
loop_
_database_2.database_id 
_database_2.database_code 
_database_2.pdbx_database_accession 
_database_2.pdbx_DOI 
PDB   9BZU         pdb_00009bzu 10.2210/pdb9bzu/pdb 
WWPDB D_1000282892 ?            ?                   
# 
_pdbx_audit_revision_history.ordinal             1 
_pdbx_audit_revision_history.data_content_type   'Structure model' 
_pdbx_audit_revision_history.major_revision      1 
_pdbx_audit_revision_history.minor_revision      0 
_pdbx_audit_revision_history.revision_date       2025-11-26 
_pdbx_audit_revision_history.part_number         ? 
# 
_pdbx_audit_revision_details.ordinal             1 
_pdbx_audit_revision_details.revision_ordinal    1 
_pdbx_audit_revision_details.data_content_type   'Structure model' 
_pdbx_audit_revision_details.provider            repository 
_pdbx_audit_revision_details.type                'Initial release' 
_pdbx_audit_revision_details.description         ? 
_pdbx_audit_revision_details.details             ? 
# 
_pdbx_database_status.status_code                     REL 
_pdbx_database_status.status_code_sf                  REL 
_pdbx_database_status.status_code_mr                  ? 
_pdbx_database_status.entry_id                        9BZU 
_pdbx_database_status.recvd_initial_deposition_date   2024-05-24 
_pdbx_database_status.SG_entry                        N 
_pdbx_database_status.deposit_site                    RCSB 
_pdbx_database_status.process_site                    RCSB 
_pdbx_database_status.status_code_cs                  ? 
_pdbx_database_status.status_code_nmr_data            ? 
_pdbx_database_status.methods_development_category    ? 
_pdbx_database_status.pdb_format_compatible           Y 
# 
_pdbx_contact_author.id                 2 
_pdbx_contact_author.email              andyn@uic.edu 
_pdbx_contact_author.name_first         Andy 
_pdbx_contact_author.name_last          Nguyen 
_pdbx_contact_author.name_mi            I 
_pdbx_contact_author.role               'principal investigator/group leader' 
_pdbx_contact_author.identifier_ORCID   0000-0003-4137-6453 
# 
_audit_author.name               'Heinz-Kunert, S.L.' 
_audit_author.pdbx_ordinal       1 
_audit_author.identifier_ORCID   0009-0002-5884-1294 
# 
_citation.abstract                  ? 
_citation.abstract_id_CAS           ? 
_citation.book_id_ISBN              ? 
_citation.book_publisher            ? 
_citation.book_publisher_city       ? 
_citation.book_title                ? 
_citation.coordinate_linkage        ? 
_citation.country                   ? 
_citation.database_id_Medline       ? 
_citation.details                   ? 
_citation.id                        primary 
_citation.journal_abbrev            'To Be Published' 
_citation.journal_id_ASTM           ? 
_citation.journal_id_CSD            0353 
_citation.journal_id_ISSN           ? 
_citation.journal_full              ? 
_citation.journal_issue             ? 
_citation.journal_volume            ? 
_citation.language                  ? 
_citation.page_first                ? 
_citation.page_last                 ? 
_citation.title                     'Evolvable conformational diversity in assemblies of short peptides' 
_citation.year                      ? 
_citation.database_id_CSD           ? 
_citation.pdbx_database_id_DOI      ? 
_citation.pdbx_database_id_PubMed   ? 
_citation.pdbx_database_id_patent   ? 
_citation.unpublished_flag          ? 
# 
loop_
_citation_author.citation_id 
_citation_author.name 
_citation_author.ordinal 
_citation_author.identifier_ORCID 
primary 'Heinz-Kunert, S.L.' 1 0009-0002-5884-1294 
primary 'Nguyen, A.I.'       2 0000-0003-4137-6453 
# 
loop_
_entity.id 
_entity.type 
_entity.src_method 
_entity.pdbx_description 
_entity.formula_weight 
_entity.pdbx_number_of_molecules 
_entity.pdbx_ec 
_entity.pdbx_mutation 
_entity.pdbx_fragment 
_entity.details 
1 polymer     syn UIC-1                                                   897.114 1 ? ? ? ? 
2 non-polymer syn "5'-(hydrazinecarbonyl)[2,2'-bipyridine]-5-carboxamide" 257.248 1 ? ? ? ? 
3 non-polymer syn 
;ethyl 5'-formyl[2,2'-bipyridine]-5-carboxylate
;
272.256 1 ? ? ? ? 
4 non-polymer syn TOLUENE                                                 92.138  4 ? ? ? ? 
# 
_entity_poly.entity_id                      1 
_entity_poly.type                           'polypeptide(L)' 
_entity_poly.nstd_linkage                   no 
_entity_poly.nstd_monomer                   yes 
_entity_poly.pdbx_seq_one_letter_code       'L(AIB)A(AIB)L(AIB)Q(AIB)L' 
_entity_poly.pdbx_seq_one_letter_code_can   LAAALAQAL 
_entity_poly.pdbx_strand_id                 A 
_entity_poly.pdbx_target_identifier         ? 
# 
loop_
_pdbx_entity_nonpoly.entity_id 
_pdbx_entity_nonpoly.name 
_pdbx_entity_nonpoly.comp_id 
2 "5'-(hydrazinecarbonyl)[2,2'-bipyridine]-5-carboxamide" I77 
3 
;ethyl 5'-formyl[2,2'-bipyridine]-5-carboxylate
;
I6W 
4 TOLUENE                                                 MBN 
# 
loop_
_entity_poly_seq.entity_id 
_entity_poly_seq.num 
_entity_poly_seq.mon_id 
_entity_poly_seq.hetero 
1 1 LEU n 
1 2 AIB n 
1 3 ALA n 
1 4 AIB n 
1 5 LEU n 
1 6 AIB n 
1 7 GLN n 
1 8 AIB n 
1 9 LEU n 
# 
_pdbx_entity_src_syn.entity_id              1 
_pdbx_entity_src_syn.pdbx_src_id            1 
_pdbx_entity_src_syn.pdbx_alt_source_flag   sample 
_pdbx_entity_src_syn.pdbx_beg_seq_num       1 
_pdbx_entity_src_syn.pdbx_end_seq_num       9 
_pdbx_entity_src_syn.organism_scientific    'synthetic construct' 
_pdbx_entity_src_syn.organism_common_name   ? 
_pdbx_entity_src_syn.ncbi_taxonomy_id       32630 
_pdbx_entity_src_syn.details                ? 
# 
loop_
_chem_comp.id 
_chem_comp.type 
_chem_comp.mon_nstd_flag 
_chem_comp.name 
_chem_comp.pdbx_synonyms 
_chem_comp.formula 
_chem_comp.formula_weight 
AIB 'L-peptide linking' n 'ALPHA-AMINOISOBUTYRIC ACID'                            ? 'C4 H9 N O2'    103.120 
ALA 'L-peptide linking' y ALANINE                                                 ? 'C3 H7 N O2'    89.093  
GLN 'L-peptide linking' y GLUTAMINE                                               ? 'C5 H10 N2 O3'  146.144 
I6W non-polymer         . 
;ethyl 5'-formyl[2,2'-bipyridine]-5-carboxylate
;
? 'C14 H12 N2 O4' 272.256 
I77 non-polymer         . "5'-(hydrazinecarbonyl)[2,2'-bipyridine]-5-carboxamide" ? 'C12 H11 N5 O2' 257.248 
LEU 'L-peptide linking' y LEUCINE                                                 ? 'C6 H13 N O2'   131.173 
MBN non-polymer         . TOLUENE                                                 ? 'C7 H8'         92.138  
# 
loop_
_pdbx_poly_seq_scheme.asym_id 
_pdbx_poly_seq_scheme.entity_id 
_pdbx_poly_seq_scheme.seq_id 
_pdbx_poly_seq_scheme.mon_id 
_pdbx_poly_seq_scheme.ndb_seq_num 
_pdbx_poly_seq_scheme.pdb_seq_num 
_pdbx_poly_seq_scheme.auth_seq_num 
_pdbx_poly_seq_scheme.pdb_mon_id 
_pdbx_poly_seq_scheme.auth_mon_id 
_pdbx_poly_seq_scheme.pdb_strand_id 
_pdbx_poly_seq_scheme.pdb_ins_code 
_pdbx_poly_seq_scheme.hetero 
A 1 1 LEU 1 2  2  LEU LEU A . n 
A 1 2 AIB 2 3  3  AIB AIB A . n 
A 1 3 ALA 3 4  4  ALA ALA A . n 
A 1 4 AIB 4 5  5  AIB AIB A . n 
A 1 5 LEU 5 6  6  LEU LEU A . n 
A 1 6 AIB 6 7  7  AIB AIB A . n 
A 1 7 GLN 7 8  8  GLN GLN A . n 
A 1 8 AIB 8 9  9  AIB AIB A . n 
A 1 9 LEU 9 10 10 LEU LEU A . n 
# 
loop_
_pdbx_entity_instance_feature.ordinal 
_pdbx_entity_instance_feature.comp_id 
_pdbx_entity_instance_feature.asym_id 
_pdbx_entity_instance_feature.seq_num 
_pdbx_entity_instance_feature.auth_comp_id 
_pdbx_entity_instance_feature.auth_asym_id 
_pdbx_entity_instance_feature.auth_seq_num 
_pdbx_entity_instance_feature.feature_type 
_pdbx_entity_instance_feature.details 
1 I77 ? ? I77 ? ? 'SUBJECT OF INVESTIGATION' ? 
2 I6W ? ? I6W ? ? 'SUBJECT OF INVESTIGATION' ? 
3 AIB ? ? AIB ? ? 'SUBJECT OF INVESTIGATION' ? 
4 MBN ? ? MBN ? ? 'SUBJECT OF INVESTIGATION' ? 
# 
loop_
_pdbx_nonpoly_scheme.asym_id 
_pdbx_nonpoly_scheme.entity_id 
_pdbx_nonpoly_scheme.mon_id 
_pdbx_nonpoly_scheme.ndb_seq_num 
_pdbx_nonpoly_scheme.pdb_seq_num 
_pdbx_nonpoly_scheme.auth_seq_num 
_pdbx_nonpoly_scheme.pdb_mon_id 
_pdbx_nonpoly_scheme.auth_mon_id 
_pdbx_nonpoly_scheme.pdb_strand_id 
_pdbx_nonpoly_scheme.pdb_ins_code 
B 2 I77 1 101 11 I77 BPH A . 
C 3 I6W 1 102 1  I6W BPE A . 
D 4 MBN 1 103 1  MBN MBN A . 
E 4 MBN 1 104 2  MBN MBN A . 
F 4 MBN 1 105 3  MBN MBN A . 
G 4 MBN 1 106 4  MBN MBN A . 
# 
loop_
_software.citation_id 
_software.classification 
_software.compiler_name 
_software.compiler_version 
_software.contact_author 
_software.contact_author_email 
_software.date 
_software.description 
_software.dependencies 
_software.hardware 
_software.language 
_software.location 
_software.mods 
_software.name 
_software.os 
_software.os_version 
_software.type 
_software.version 
_software.pdbx_ordinal 
? refinement       ? ? ? ? ? ? ? ? ? ? ? PHENIX ? ? ? 1.20.1_4487 1 
? 'data reduction' ? ? ? ? ? ? ? ? ? ? ? XDS    ? ? ? .           2 
? 'data scaling'   ? ? ? ? ? ? ? ? ? ? ? XDS    ? ? ? .           3 
? phasing          ? ? ? ? ? ? ? ? ? ? ? PHASER ? ? ? .           4 
# 
_cell.angle_alpha                  90.000 
_cell.angle_alpha_esd              ? 
_cell.angle_beta                   101.480 
_cell.angle_beta_esd               ? 
_cell.angle_gamma                  90.000 
_cell.angle_gamma_esd              ? 
_cell.entry_id                     9BZU 
_cell.details                      ? 
_cell.formula_units_Z              ? 
_cell.length_a                     13.966 
_cell.length_a_esd                 ? 
_cell.length_b                     13.451 
_cell.length_b_esd                 ? 
_cell.length_c                     28.645 
_cell.length_c_esd                 ? 
_cell.volume                       5273.500 
_cell.volume_esd                   ? 
_cell.Z_PDB                        2 
_cell.reciprocal_angle_alpha       ? 
_cell.reciprocal_angle_beta        ? 
_cell.reciprocal_angle_gamma       ? 
_cell.reciprocal_angle_alpha_esd   ? 
_cell.reciprocal_angle_beta_esd    ? 
_cell.reciprocal_angle_gamma_esd   ? 
_cell.reciprocal_length_a          ? 
_cell.reciprocal_length_b          ? 
_cell.reciprocal_length_c          ? 
_cell.reciprocal_length_a_esd      ? 
_cell.reciprocal_length_b_esd      ? 
_cell.reciprocal_length_c_esd      ? 
_cell.pdbx_unique_axis             ? 
_cell.pdbx_esd_method              ? 
# 
_symmetry.entry_id                         9BZU 
_symmetry.cell_setting                     ? 
_symmetry.Int_Tables_number                4 
_symmetry.space_group_name_Hall            'P 2yb' 
_symmetry.space_group_name_H-M             'P 1 21 1' 
_symmetry.pdbx_full_space_group_name_H-M   ? 
# 
_exptl.absorpt_coefficient_mu     ? 
_exptl.absorpt_correction_T_max   ? 
_exptl.absorpt_correction_T_min   ? 
_exptl.absorpt_correction_type    ? 
_exptl.absorpt_process_details    ? 
_exptl.entry_id                   9BZU 
_exptl.crystals_number            1 
_exptl.details                    ? 
_exptl.method                     'X-RAY DIFFRACTION' 
_exptl.method_details             ? 
# 
_exptl_crystal.colour                       ? 
_exptl_crystal.density_diffrn               ? 
_exptl_crystal.density_Matthews             1.49 
_exptl_crystal.density_method               ? 
_exptl_crystal.density_percent_sol          17.51 
_exptl_crystal.description                  ? 
_exptl_crystal.F_000                        ? 
_exptl_crystal.id                           1 
_exptl_crystal.preparation                  ? 
_exptl_crystal.size_max                     ? 
_exptl_crystal.size_mid                     ? 
_exptl_crystal.size_min                     ? 
_exptl_crystal.size_rad                     ? 
_exptl_crystal.colour_lustre                ? 
_exptl_crystal.colour_modifier              ? 
_exptl_crystal.colour_primary               ? 
_exptl_crystal.density_meas                 ? 
_exptl_crystal.density_meas_esd             ? 
_exptl_crystal.density_meas_gt              ? 
_exptl_crystal.density_meas_lt              ? 
_exptl_crystal.density_meas_temp            ? 
_exptl_crystal.density_meas_temp_esd        ? 
_exptl_crystal.density_meas_temp_gt         ? 
_exptl_crystal.density_meas_temp_lt         ? 
_exptl_crystal.pdbx_crystal_image_url       ? 
_exptl_crystal.pdbx_crystal_image_format    ? 
_exptl_crystal.pdbx_mosaicity               ? 
_exptl_crystal.pdbx_mosaicity_esd           ? 
_exptl_crystal.pdbx_mosaic_method           ? 
_exptl_crystal.pdbx_mosaic_block_size       ? 
_exptl_crystal.pdbx_mosaic_block_size_esd   ? 
# 
_exptl_crystal_grow.apparatus       ? 
_exptl_crystal_grow.atmosphere      ? 
_exptl_crystal_grow.crystal_id      1 
_exptl_crystal_grow.details         ? 
_exptl_crystal_grow.method          'SLOW COOLING' 
_exptl_crystal_grow.method_ref      ? 
_exptl_crystal_grow.pH              ? 
_exptl_crystal_grow.pressure        ? 
_exptl_crystal_grow.pressure_esd    ? 
_exptl_crystal_grow.seeding         ? 
_exptl_crystal_grow.seeding_ref     ? 
_exptl_crystal_grow.temp_details    ? 
_exptl_crystal_grow.temp_esd        ? 
_exptl_crystal_grow.time            ? 
_exptl_crystal_grow.pdbx_details    'water and acetonitrile' 
_exptl_crystal_grow.pdbx_pH_range   ? 
_exptl_crystal_grow.temp            298 
# 
_diffrn.ambient_environment              ? 
_diffrn.ambient_temp                     100 
_diffrn.ambient_temp_details             ? 
_diffrn.ambient_temp_esd                 ? 
_diffrn.crystal_id                       1 
_diffrn.crystal_support                  ? 
_diffrn.crystal_treatment                ? 
_diffrn.details                          ? 
_diffrn.id                               1 
_diffrn.ambient_pressure                 ? 
_diffrn.ambient_pressure_esd             ? 
_diffrn.ambient_pressure_gt              ? 
_diffrn.ambient_pressure_lt              ? 
_diffrn.ambient_temp_gt                  ? 
_diffrn.ambient_temp_lt                  ? 
_diffrn.pdbx_serial_crystal_experiment   N 
# 
_diffrn_detector.details                      ? 
_diffrn_detector.detector                     PIXEL 
_diffrn_detector.diffrn_id                    1 
_diffrn_detector.type                         'DECTRIS EIGER X 9M' 
_diffrn_detector.area_resol_mean              ? 
_diffrn_detector.dtime                        ? 
_diffrn_detector.pdbx_frames_total            ? 
_diffrn_detector.pdbx_collection_time_total   ? 
_diffrn_detector.pdbx_collection_date         2022-10-28 
_diffrn_detector.pdbx_frequency               ? 
_diffrn_detector.id                           ? 
_diffrn_detector.number_of_axes               ? 
# 
_diffrn_radiation.collimation                      ? 
_diffrn_radiation.diffrn_id                        1 
_diffrn_radiation.filter_edge                      ? 
_diffrn_radiation.inhomogeneity                    ? 
_diffrn_radiation.monochromator                    ? 
_diffrn_radiation.polarisn_norm                    ? 
_diffrn_radiation.polarisn_ratio                   ? 
_diffrn_radiation.probe                            ? 
_diffrn_radiation.type                             ? 
_diffrn_radiation.xray_symbol                      ? 
_diffrn_radiation.wavelength_id                    1 
_diffrn_radiation.pdbx_monochromatic_or_laue_m_l   M 
_diffrn_radiation.pdbx_wavelength_list             ? 
_diffrn_radiation.pdbx_wavelength                  ? 
_diffrn_radiation.pdbx_diffrn_protocol             'SINGLE WAVELENGTH' 
_diffrn_radiation.pdbx_analyzer                    ? 
_diffrn_radiation.pdbx_scattering_type             x-ray 
# 
_diffrn_radiation_wavelength.id           1 
_diffrn_radiation_wavelength.wavelength   0.61986 
_diffrn_radiation_wavelength.wt           1.0 
# 
_diffrn_source.current                     ? 
_diffrn_source.details                     ? 
_diffrn_source.diffrn_id                   1 
_diffrn_source.power                       ? 
_diffrn_source.size                        ? 
_diffrn_source.source                      SYNCHROTRON 
_diffrn_source.target                      ? 
_diffrn_source.type                        'APS BEAMLINE 21-ID-D' 
_diffrn_source.voltage                     ? 
_diffrn_source.take-off_angle              ? 
_diffrn_source.pdbx_wavelength_list        0.61986 
_diffrn_source.pdbx_wavelength             ? 
_diffrn_source.pdbx_synchrotron_beamline   21-ID-D 
_diffrn_source.pdbx_synchrotron_site       APS 
# 
_reflns.B_iso_Wilson_estimate                          6.30 
_reflns.entry_id                                       9BZU 
_reflns.data_reduction_details                         ? 
_reflns.data_reduction_method                          ? 
_reflns.d_resolution_high                              0.92 
_reflns.d_resolution_low                               14.04 
_reflns.details                                        ? 
_reflns.limit_h_max                                    ? 
_reflns.limit_h_min                                    ? 
_reflns.limit_k_max                                    ? 
_reflns.limit_k_min                                    ? 
_reflns.limit_l_max                                    ? 
_reflns.limit_l_min                                    ? 
_reflns.number_all                                     ? 
_reflns.number_obs                                     7211 
_reflns.observed_criterion                             ? 
_reflns.observed_criterion_F_max                       ? 
_reflns.observed_criterion_F_min                       ? 
_reflns.observed_criterion_I_max                       ? 
_reflns.observed_criterion_I_min                       ? 
_reflns.observed_criterion_sigma_F                     ? 
_reflns.observed_criterion_sigma_I                     ? 
_reflns.percent_possible_obs                           96.71 
_reflns.R_free_details                                 ? 
_reflns.Rmerge_F_all                                   ? 
_reflns.Rmerge_F_obs                                   ? 
_reflns.Friedel_coverage                               ? 
_reflns.number_gt                                      ? 
_reflns.threshold_expression                           ? 
_reflns.pdbx_redundancy                                6.2 
_reflns.pdbx_netI_over_av_sigmaI                       ? 
_reflns.pdbx_netI_over_sigmaI                          14.88 
_reflns.pdbx_res_netI_over_av_sigmaI_2                 ? 
_reflns.pdbx_res_netI_over_sigmaI_2                    ? 
_reflns.pdbx_chi_squared                               ? 
_reflns.pdbx_scaling_rejects                           ? 
_reflns.pdbx_d_res_high_opt                            ? 
_reflns.pdbx_d_res_low_opt                             ? 
_reflns.pdbx_d_res_opt_method                          ? 
_reflns.phase_calculation_details                      ? 
_reflns.pdbx_Rrim_I_all                                ? 
_reflns.pdbx_Rpim_I_all                                ? 
_reflns.pdbx_d_opt                                     ? 
_reflns.pdbx_number_measured_all                       ? 
_reflns.pdbx_diffrn_id                                 1 
_reflns.pdbx_ordinal                                   1 
_reflns.pdbx_CC_half                                   0.998 
_reflns.pdbx_CC_star                                   ? 
_reflns.pdbx_R_split                                   ? 
_reflns.pdbx_Rmerge_I_obs                              ? 
_reflns.pdbx_Rmerge_I_all                              ? 
_reflns.pdbx_Rsym_value                                ? 
_reflns.pdbx_CC_split_method                           ? 
_reflns.pdbx_aniso_diffraction_limit_axis_1_ortho[1]   ? 
_reflns.pdbx_aniso_diffraction_limit_axis_1_ortho[2]   ? 
_reflns.pdbx_aniso_diffraction_limit_axis_1_ortho[3]   ? 
_reflns.pdbx_aniso_diffraction_limit_axis_2_ortho[1]   ? 
_reflns.pdbx_aniso_diffraction_limit_axis_2_ortho[2]   ? 
_reflns.pdbx_aniso_diffraction_limit_axis_2_ortho[3]   ? 
_reflns.pdbx_aniso_diffraction_limit_axis_3_ortho[1]   ? 
_reflns.pdbx_aniso_diffraction_limit_axis_3_ortho[2]   ? 
_reflns.pdbx_aniso_diffraction_limit_axis_3_ortho[3]   ? 
_reflns.pdbx_aniso_diffraction_limit_1                 ? 
_reflns.pdbx_aniso_diffraction_limit_2                 ? 
_reflns.pdbx_aniso_diffraction_limit_3                 ? 
_reflns.pdbx_aniso_B_tensor_eigenvector_1_ortho[1]     ? 
_reflns.pdbx_aniso_B_tensor_eigenvector_1_ortho[2]     ? 
_reflns.pdbx_aniso_B_tensor_eigenvector_1_ortho[3]     ? 
_reflns.pdbx_aniso_B_tensor_eigenvector_2_ortho[1]     ? 
_reflns.pdbx_aniso_B_tensor_eigenvector_2_ortho[2]     ? 
_reflns.pdbx_aniso_B_tensor_eigenvector_2_ortho[3]     ? 
_reflns.pdbx_aniso_B_tensor_eigenvector_3_ortho[1]     ? 
_reflns.pdbx_aniso_B_tensor_eigenvector_3_ortho[2]     ? 
_reflns.pdbx_aniso_B_tensor_eigenvector_3_ortho[3]     ? 
_reflns.pdbx_aniso_B_tensor_eigenvalue_1               ? 
_reflns.pdbx_aniso_B_tensor_eigenvalue_2               ? 
_reflns.pdbx_aniso_B_tensor_eigenvalue_3               ? 
_reflns.pdbx_orthogonalization_convention              ? 
_reflns.pdbx_percent_possible_ellipsoidal              ? 
_reflns.pdbx_percent_possible_spherical                ? 
_reflns.pdbx_percent_possible_ellipsoidal_anomalous    ? 
_reflns.pdbx_percent_possible_spherical_anomalous      ? 
_reflns.pdbx_redundancy_anomalous                      ? 
_reflns.pdbx_CC_half_anomalous                         ? 
_reflns.pdbx_absDiff_over_sigma_anomalous              ? 
_reflns.pdbx_percent_possible_anomalous                ? 
_reflns.pdbx_observed_signal_threshold                 ? 
_reflns.pdbx_signal_type                               ? 
_reflns.pdbx_signal_details                            ? 
_reflns.pdbx_signal_software_id                        ? 
# 
_reflns_shell.d_res_high                                    0.92 
_reflns_shell.d_res_low                                     0.9529 
_reflns_shell.meanI_over_sigI_all                           ? 
_reflns_shell.meanI_over_sigI_obs                           ? 
_reflns_shell.number_measured_all                           ? 
_reflns_shell.number_measured_obs                           ? 
_reflns_shell.number_possible                               ? 
_reflns_shell.number_unique_all                             ? 
_reflns_shell.number_unique_obs                             4164 
_reflns_shell.percent_possible_obs                          ? 
_reflns_shell.Rmerge_F_all                                  ? 
_reflns_shell.Rmerge_F_obs                                  ? 
_reflns_shell.meanI_over_sigI_gt                            ? 
_reflns_shell.meanI_over_uI_all                             ? 
_reflns_shell.meanI_over_uI_gt                              ? 
_reflns_shell.number_measured_gt                            ? 
_reflns_shell.number_unique_gt                              ? 
_reflns_shell.percent_possible_gt                           ? 
_reflns_shell.Rmerge_F_gt                                   ? 
_reflns_shell.Rmerge_I_gt                                   ? 
_reflns_shell.pdbx_redundancy                               ? 
_reflns_shell.pdbx_chi_squared                              ? 
_reflns_shell.pdbx_netI_over_sigmaI_all                     ? 
_reflns_shell.pdbx_netI_over_sigmaI_obs                     ? 
_reflns_shell.pdbx_Rrim_I_all                               ? 
_reflns_shell.pdbx_Rpim_I_all                               ? 
_reflns_shell.pdbx_rejects                                  ? 
_reflns_shell.pdbx_ordinal                                  1 
_reflns_shell.pdbx_diffrn_id                                1 
_reflns_shell.pdbx_CC_half                                  0.946 
_reflns_shell.pdbx_CC_star                                  ? 
_reflns_shell.pdbx_R_split                                  ? 
_reflns_shell.percent_possible_all                          ? 
_reflns_shell.Rmerge_I_all                                  ? 
_reflns_shell.Rmerge_I_obs                                  ? 
_reflns_shell.pdbx_Rsym_value                               ? 
_reflns_shell.pdbx_percent_possible_ellipsoidal             ? 
_reflns_shell.pdbx_percent_possible_spherical               ? 
_reflns_shell.pdbx_percent_possible_ellipsoidal_anomalous   ? 
_reflns_shell.pdbx_percent_possible_spherical_anomalous     ? 
_reflns_shell.pdbx_redundancy_anomalous                     ? 
_reflns_shell.pdbx_CC_half_anomalous                        ? 
_reflns_shell.pdbx_absDiff_over_sigma_anomalous             ? 
_reflns_shell.pdbx_percent_possible_anomalous               ? 
# 
_refine.aniso_B[1][1]                            ? 
_refine.aniso_B[1][2]                            ? 
_refine.aniso_B[1][3]                            ? 
_refine.aniso_B[2][2]                            ? 
_refine.aniso_B[2][3]                            ? 
_refine.aniso_B[3][3]                            ? 
_refine.B_iso_max                                ? 
_refine.B_iso_mean                               9.85 
_refine.B_iso_min                                ? 
_refine.correlation_coeff_Fo_to_Fc               ? 
_refine.correlation_coeff_Fo_to_Fc_free          ? 
_refine.details                                  ? 
_refine.diff_density_max                         ? 
_refine.diff_density_max_esd                     ? 
_refine.diff_density_min                         ? 
_refine.diff_density_min_esd                     ? 
_refine.diff_density_rms                         ? 
_refine.diff_density_rms_esd                     ? 
_refine.entry_id                                 9BZU 
_refine.pdbx_refine_id                           'X-RAY DIFFRACTION' 
_refine.ls_abs_structure_details                 ? 
_refine.ls_abs_structure_Flack                   ? 
_refine.ls_abs_structure_Flack_esd               ? 
_refine.ls_abs_structure_Rogers                  ? 
_refine.ls_abs_structure_Rogers_esd              ? 
_refine.ls_d_res_high                            0.92 
_refine.ls_d_res_low                             14.04 
_refine.ls_extinction_coef                       ? 
_refine.ls_extinction_coef_esd                   ? 
_refine.ls_extinction_expression                 ? 
_refine.ls_extinction_method                     ? 
_refine.ls_goodness_of_fit_all                   ? 
_refine.ls_goodness_of_fit_all_esd               ? 
_refine.ls_goodness_of_fit_obs                   ? 
_refine.ls_goodness_of_fit_obs_esd               ? 
_refine.ls_hydrogen_treatment                    ? 
_refine.ls_matrix_type                           ? 
_refine.ls_number_constraints                    ? 
_refine.ls_number_parameters                     ? 
_refine.ls_number_reflns_all                     ? 
_refine.ls_number_reflns_obs                     7211 
_refine.ls_number_reflns_R_free                  1305 
_refine.ls_number_reflns_R_work                  11951 
_refine.ls_number_restraints                     ? 
_refine.ls_percent_reflns_obs                    93.50 
_refine.ls_percent_reflns_R_free                 9.84 
_refine.ls_R_factor_all                          ? 
_refine.ls_R_factor_obs                          0.1176 
_refine.ls_R_factor_R_free                       0.1294 
_refine.ls_R_factor_R_free_error                 ? 
_refine.ls_R_factor_R_free_error_details         ? 
_refine.ls_R_factor_R_work                       0.1163 
_refine.ls_R_Fsqd_factor_obs                     ? 
_refine.ls_R_I_factor_obs                        ? 
_refine.ls_redundancy_reflns_all                 ? 
_refine.ls_redundancy_reflns_obs                 ? 
_refine.ls_restrained_S_all                      ? 
_refine.ls_restrained_S_obs                      ? 
_refine.ls_shift_over_esd_max                    ? 
_refine.ls_shift_over_esd_mean                   ? 
_refine.ls_structure_factor_coef                 ? 
_refine.ls_weighting_details                     ? 
_refine.ls_weighting_scheme                      ? 
_refine.ls_wR_factor_all                         ? 
_refine.ls_wR_factor_obs                         ? 
_refine.ls_wR_factor_R_free                      ? 
_refine.ls_wR_factor_R_work                      ? 
_refine.occupancy_max                            ? 
_refine.occupancy_min                            ? 
_refine.solvent_model_details                    'FLAT BULK SOLVENT MODEL' 
_refine.solvent_model_param_bsol                 ? 
_refine.solvent_model_param_ksol                 ? 
_refine.pdbx_R_complete                          ? 
_refine.ls_R_factor_gt                           ? 
_refine.ls_goodness_of_fit_gt                    ? 
_refine.ls_goodness_of_fit_ref                   ? 
_refine.ls_shift_over_su_max                     ? 
_refine.ls_shift_over_su_max_lt                  ? 
_refine.ls_shift_over_su_mean                    ? 
_refine.ls_shift_over_su_mean_lt                 ? 
_refine.pdbx_ls_sigma_I                          ? 
_refine.pdbx_ls_sigma_F                          1.41 
_refine.pdbx_ls_sigma_Fsqd                       ? 
_refine.pdbx_data_cutoff_high_absF               ? 
_refine.pdbx_data_cutoff_high_rms_absF           ? 
_refine.pdbx_data_cutoff_low_absF                ? 
_refine.pdbx_isotropic_thermal_model             ? 
_refine.pdbx_ls_cross_valid_method               'FREE R-VALUE' 
_refine.pdbx_method_to_determine_struct          'MOLECULAR REPLACEMENT' 
_refine.pdbx_starting_model                      ? 
_refine.pdbx_stereochemistry_target_values       'GeoStd + Monomer Library + CDL v1.2' 
_refine.pdbx_R_Free_selection_details            ? 
_refine.pdbx_stereochem_target_val_spec_case     ? 
_refine.pdbx_overall_ESU_R                       ? 
_refine.pdbx_overall_ESU_R_Free                  ? 
_refine.pdbx_solvent_vdw_probe_radii             1.1000 
_refine.pdbx_solvent_ion_probe_radii             ? 
_refine.pdbx_solvent_shrinkage_radii             0.9000 
_refine.pdbx_real_space_R                        ? 
_refine.pdbx_density_correlation                 ? 
_refine.pdbx_pd_number_of_powder_patterns        ? 
_refine.pdbx_pd_number_of_points                 ? 
_refine.pdbx_pd_meas_number_of_points            ? 
_refine.pdbx_pd_proc_ls_prof_R_factor            ? 
_refine.pdbx_pd_proc_ls_prof_wR_factor           ? 
_refine.pdbx_pd_Marquardt_correlation_coeff      ? 
_refine.pdbx_pd_Fsqrd_R_factor                   ? 
_refine.pdbx_pd_ls_matrix_band_width             ? 
_refine.pdbx_overall_phase_error                 16.6589 
_refine.pdbx_overall_SU_R_free_Cruickshank_DPI   ? 
_refine.pdbx_overall_SU_R_free_Blow_DPI          ? 
_refine.pdbx_overall_SU_R_Blow_DPI               ? 
_refine.pdbx_TLS_residual_ADP_flag               ? 
_refine.pdbx_diffrn_id                           1 
_refine.overall_SU_B                             ? 
_refine.overall_SU_ML                            0.0648 
_refine.overall_SU_R_Cruickshank_DPI             ? 
_refine.overall_SU_R_free                        ? 
_refine.overall_FOM_free_R_set                   ? 
_refine.overall_FOM_work_R_set                   ? 
_refine.pdbx_average_fsc_overall                 ? 
_refine.pdbx_average_fsc_work                    ? 
_refine.pdbx_average_fsc_free                    ? 
# 
_refine_hist.pdbx_refine_id                   'X-RAY DIFFRACTION' 
_refine_hist.cycle_id                         LAST 
_refine_hist.details                          ? 
_refine_hist.d_res_high                       0.92 
_refine_hist.d_res_low                        14.04 
_refine_hist.number_atoms_solvent             0 
_refine_hist.number_atoms_total               128 
_refine_hist.number_reflns_all                ? 
_refine_hist.number_reflns_obs                ? 
_refine_hist.number_reflns_R_free             ? 
_refine_hist.number_reflns_R_work             ? 
_refine_hist.R_factor_all                     ? 
_refine_hist.R_factor_obs                     ? 
_refine_hist.R_factor_R_free                  ? 
_refine_hist.R_factor_R_work                  ? 
_refine_hist.pdbx_number_residues_total       ? 
_refine_hist.pdbx_B_iso_mean_ligand           ? 
_refine_hist.pdbx_B_iso_mean_solvent          ? 
_refine_hist.pdbx_number_atoms_protein        81 
_refine_hist.pdbx_number_atoms_nucleic_acid   0 
_refine_hist.pdbx_number_atoms_ligand         47 
_refine_hist.pdbx_number_atoms_lipid          ? 
_refine_hist.pdbx_number_atoms_carb           ? 
_refine_hist.pdbx_pseudo_atom_details         ? 
# 
loop_
_refine_ls_restr.pdbx_refine_id 
_refine_ls_restr.criterion 
_refine_ls_restr.dev_ideal 
_refine_ls_restr.dev_ideal_target 
_refine_ls_restr.number 
_refine_ls_restr.rejects 
_refine_ls_restr.type 
_refine_ls_restr.weight 
_refine_ls_restr.pdbx_restraint_function 
'X-RAY DIFFRACTION' ? 0.0125  ? 222 ? f_bond_d           ? ? 
'X-RAY DIFFRACTION' ? 1.8540  ? 295 ? f_angle_d          ? ? 
'X-RAY DIFFRACTION' ? 0.0465  ? 14  ? f_chiral_restr     ? ? 
'X-RAY DIFFRACTION' ? 0.0065  ? 35  ? f_plane_restr      ? ? 
'X-RAY DIFFRACTION' ? 36.0735 ? 30  ? f_dihedral_angle_d ? ? 
# 
loop_
_refine_ls_shell.pdbx_refine_id 
_refine_ls_shell.d_res_high 
_refine_ls_shell.d_res_low 
_refine_ls_shell.number_reflns_all 
_refine_ls_shell.number_reflns_obs 
_refine_ls_shell.number_reflns_R_free 
_refine_ls_shell.number_reflns_R_work 
_refine_ls_shell.percent_reflns_obs 
_refine_ls_shell.percent_reflns_R_free 
_refine_ls_shell.R_factor_all 
_refine_ls_shell.R_factor_obs 
_refine_ls_shell.R_factor_R_free_error 
_refine_ls_shell.R_factor_R_work 
_refine_ls_shell.redundancy_reflns_all 
_refine_ls_shell.redundancy_reflns_obs 
_refine_ls_shell.wR_factor_all 
_refine_ls_shell.wR_factor_obs 
_refine_ls_shell.wR_factor_R_free 
_refine_ls_shell.wR_factor_R_work 
_refine_ls_shell.pdbx_R_complete 
_refine_ls_shell.pdbx_total_number_of_bins_used 
_refine_ls_shell.pdbx_phase_error 
_refine_ls_shell.pdbx_fsc_work 
_refine_ls_shell.pdbx_fsc_free 
_refine_ls_shell.R_factor_R_free 
'X-RAY DIFFRACTION' 0.92 0.96  . . 129 1284 89.66 . . . . 0.1904 . . . . . . . . . . . 0.2085 
'X-RAY DIFFRACTION' 0.96 1.00  . . 139 1348 94.96 . . . . 0.1552 . . . . . . . . . . . 0.1710 
'X-RAY DIFFRACTION' 1.00 1.05  . . 140 1316 93.15 . . . . 0.1416 . . . . . . . . . . . 0.1516 
'X-RAY DIFFRACTION' 1.05 1.12  . . 146 1348 93.03 . . . . 0.1249 . . . . . . . . . . . 0.1472 
'X-RAY DIFFRACTION' 1.12 1.21  . . 147 1303 92.42 . . . . 0.1162 . . . . . . . . . . . 0.1703 
'X-RAY DIFFRACTION' 1.21 1.33  . . 154 1281 91.99 . . . . 0.1175 . . . . . . . . . . . 0.1473 
'X-RAY DIFFRACTION' 1.33 1.52  . . 146 1373 95.59 . . . . 0.1195 . . . . . . . . . . . 0.1417 
'X-RAY DIFFRACTION' 1.52 1.91  . . 158 1358 95.83 . . . . 0.1102 . . . . . . . . . . . 0.0929 
'X-RAY DIFFRACTION' 1.91 14.04 . . 146 1340 95.20 . . . . 0.1004 . . . . . . . . . . . 0.1146 
# 
_struct.entry_id                     9BZU 
_struct.title                        'UIC-1 peptide with toluene bound' 
_struct.pdbx_model_details           ? 
_struct.pdbx_formula_weight          ? 
_struct.pdbx_formula_weight_method   ? 
_struct.pdbx_model_type_details      ? 
_struct.pdbx_CASP_flag               N 
# 
_struct_keywords.entry_id        9BZU 
_struct_keywords.text            'synthetic construct, DE NOVO PROTEIN' 
_struct_keywords.pdbx_keywords   'DE NOVO PROTEIN' 
# 
loop_
_struct_asym.id 
_struct_asym.pdbx_blank_PDB_chainid_flag 
_struct_asym.pdbx_modified 
_struct_asym.entity_id 
_struct_asym.details 
A N N 1 ? 
B N N 2 ? 
C N N 3 ? 
D N N 4 ? 
E N N 4 ? 
F N N 4 ? 
G N N 4 ? 
# 
_struct_ref.id                         1 
_struct_ref.db_name                    PDB 
_struct_ref.db_code                    9BZU 
_struct_ref.pdbx_db_accession          9BZU 
_struct_ref.pdbx_db_isoform            ? 
_struct_ref.entity_id                  1 
_struct_ref.pdbx_seq_one_letter_code   ? 
_struct_ref.pdbx_align_begin           1 
# 
_struct_ref_seq.align_id                      1 
_struct_ref_seq.ref_id                        1 
_struct_ref_seq.pdbx_PDB_id_code              9BZU 
_struct_ref_seq.pdbx_strand_id                A 
_struct_ref_seq.seq_align_beg                 1 
_struct_ref_seq.pdbx_seq_align_beg_ins_code   ? 
_struct_ref_seq.seq_align_end                 9 
_struct_ref_seq.pdbx_seq_align_end_ins_code   ? 
_struct_ref_seq.pdbx_db_accession             9BZU 
_struct_ref_seq.db_align_beg                  2 
_struct_ref_seq.pdbx_db_align_beg_ins_code    ? 
_struct_ref_seq.db_align_end                  10 
_struct_ref_seq.pdbx_db_align_end_ins_code    ? 
_struct_ref_seq.pdbx_auth_seq_align_beg       2 
_struct_ref_seq.pdbx_auth_seq_align_end       10 
# 
_pdbx_struct_assembly.id                   1 
_pdbx_struct_assembly.details              author_and_software_defined_assembly 
_pdbx_struct_assembly.method_details       PISA 
_pdbx_struct_assembly.oligomeric_details   monomeric 
_pdbx_struct_assembly.oligomeric_count     1 
# 
_pdbx_struct_assembly_gen.assembly_id       1 
_pdbx_struct_assembly_gen.oper_expression   1 
_pdbx_struct_assembly_gen.asym_id_list      A,B,C,D,E,F,G 
# 
_pdbx_struct_oper_list.id                   1 
_pdbx_struct_oper_list.type                 'identity operation' 
_pdbx_struct_oper_list.name                 1_555 
_pdbx_struct_oper_list.symmetry_operation   x,y,z 
_pdbx_struct_oper_list.matrix[1][1]         1.0000000000 
_pdbx_struct_oper_list.matrix[1][2]         0.0000000000 
_pdbx_struct_oper_list.matrix[1][3]         0.0000000000 
_pdbx_struct_oper_list.vector[1]            0.0000000000 
_pdbx_struct_oper_list.matrix[2][1]         0.0000000000 
_pdbx_struct_oper_list.matrix[2][2]         1.0000000000 
_pdbx_struct_oper_list.matrix[2][3]         0.0000000000 
_pdbx_struct_oper_list.vector[2]            0.0000000000 
_pdbx_struct_oper_list.matrix[3][1]         0.0000000000 
_pdbx_struct_oper_list.matrix[3][2]         0.0000000000 
_pdbx_struct_oper_list.matrix[3][3]         1.0000000000 
_pdbx_struct_oper_list.vector[3]            0.0000000000 
# 
_struct_conf.conf_type_id            HELX_P 
_struct_conf.id                      HELX_P1 
_struct_conf.pdbx_PDB_helix_id       AA1 
_struct_conf.beg_label_comp_id       LEU 
_struct_conf.beg_label_asym_id       A 
_struct_conf.beg_label_seq_id        1 
_struct_conf.pdbx_beg_PDB_ins_code   ? 
_struct_conf.end_label_comp_id       GLN 
_struct_conf.end_label_asym_id       A 
_struct_conf.end_label_seq_id        7 
_struct_conf.pdbx_end_PDB_ins_code   ? 
_struct_conf.beg_auth_comp_id        LEU 
_struct_conf.beg_auth_asym_id        A 
_struct_conf.beg_auth_seq_id         2 
_struct_conf.end_auth_comp_id        GLN 
_struct_conf.end_auth_asym_id        A 
_struct_conf.end_auth_seq_id         8 
_struct_conf.pdbx_PDB_helix_class    1 
_struct_conf.details                 ? 
_struct_conf.pdbx_PDB_helix_length   7 
# 
_struct_conf_type.id          HELX_P 
_struct_conf_type.criteria    ? 
_struct_conf_type.reference   ? 
# 
loop_
_struct_conn.id 
_struct_conn.conn_type_id 
_struct_conn.pdbx_leaving_atom_flag 
_struct_conn.pdbx_PDB_id 
_struct_conn.ptnr1_label_asym_id 
_struct_conn.ptnr1_label_comp_id 
_struct_conn.ptnr1_label_seq_id 
_struct_conn.ptnr1_label_atom_id 
_struct_conn.pdbx_ptnr1_label_alt_id 
_struct_conn.pdbx_ptnr1_PDB_ins_code 
_struct_conn.pdbx_ptnr1_standard_comp_id 
_struct_conn.ptnr1_symmetry 
_struct_conn.ptnr2_label_asym_id 
_struct_conn.ptnr2_label_comp_id 
_struct_conn.ptnr2_label_seq_id 
_struct_conn.ptnr2_label_atom_id 
_struct_conn.pdbx_ptnr2_label_alt_id 
_struct_conn.pdbx_ptnr2_PDB_ins_code 
_struct_conn.ptnr1_auth_asym_id 
_struct_conn.ptnr1_auth_comp_id 
_struct_conn.ptnr1_auth_seq_id 
_struct_conn.ptnr2_auth_asym_id 
_struct_conn.ptnr2_auth_comp_id 
_struct_conn.ptnr2_auth_seq_id 
_struct_conn.ptnr2_symmetry 
_struct_conn.pdbx_ptnr3_label_atom_id 
_struct_conn.pdbx_ptnr3_label_seq_id 
_struct_conn.pdbx_ptnr3_label_comp_id 
_struct_conn.pdbx_ptnr3_label_asym_id 
_struct_conn.pdbx_ptnr3_label_alt_id 
_struct_conn.pdbx_ptnr3_PDB_ins_code 
_struct_conn.details 
_struct_conn.pdbx_dist_value 
_struct_conn.pdbx_value_order 
_struct_conn.pdbx_role 
covale1  covale both ? A LEU 1 C A ? ? 1_555 A AIB 2 N   ? ? A LEU 2  A AIB 3   1_555 ? ? ? ? ? ? ? 1.334 ? ? 
covale2  covale both ? A LEU 1 C B ? ? 1_555 A AIB 2 N   ? ? A LEU 2  A AIB 3   1_555 ? ? ? ? ? ? ? 1.334 ? ? 
covale3  covale both ? A LEU 1 N A ? ? 1_555 C I6W . C02 A ? A LEU 2  A I6W 102 1_555 ? ? ? ? ? ? ? 1.419 ? ? 
covale4  covale both ? A LEU 1 N B ? ? 1_555 C I6W . C02 B ? A LEU 2  A I6W 102 1_555 ? ? ? ? ? ? ? 1.432 ? ? 
covale5  covale both ? A AIB 2 C ? ? ? 1_555 A ALA 3 N   ? ? A AIB 3  A ALA 4   1_555 ? ? ? ? ? ? ? 1.328 ? ? 
covale6  covale both ? A ALA 3 C ? ? ? 1_555 A AIB 4 N   ? ? A ALA 4  A AIB 5   1_555 ? ? ? ? ? ? ? 1.338 ? ? 
covale7  covale both ? A AIB 4 C ? ? ? 1_555 A LEU 5 N   A ? A AIB 5  A LEU 6   1_555 ? ? ? ? ? ? ? 1.338 ? ? 
covale8  covale both ? A AIB 4 C ? ? ? 1_555 A LEU 5 N   B ? A AIB 5  A LEU 6   1_555 ? ? ? ? ? ? ? 1.339 ? ? 
covale9  covale both ? A LEU 5 C A ? ? 1_555 A AIB 6 N   ? ? A LEU 6  A AIB 7   1_555 ? ? ? ? ? ? ? 1.336 ? ? 
covale10 covale both ? A LEU 5 C B ? ? 1_555 A AIB 6 N   ? ? A LEU 6  A AIB 7   1_555 ? ? ? ? ? ? ? 1.337 ? ? 
covale11 covale both ? A AIB 6 C ? ? ? 1_555 A GLN 7 N   ? ? A AIB 7  A GLN 8   1_555 ? ? ? ? ? ? ? 1.330 ? ? 
covale12 covale both ? A GLN 7 C ? ? ? 1_555 A AIB 8 N   ? ? A GLN 8  A AIB 9   1_555 ? ? ? ? ? ? ? 1.329 ? ? 
covale13 covale both ? A AIB 8 C ? ? ? 1_555 A LEU 9 N   A ? A AIB 9  A LEU 10  1_555 ? ? ? ? ? ? ? 1.345 ? ? 
covale14 covale both ? A AIB 8 C ? ? ? 1_555 A LEU 9 N   B ? A AIB 9  A LEU 10  1_555 ? ? ? ? ? ? ? 1.332 ? ? 
covale15 covale both ? A LEU 9 C A ? ? 1_555 B I77 . N15 A ? A LEU 10 A I77 101 1_555 ? ? ? ? ? ? ? 1.405 ? ? 
covale16 covale both ? A LEU 9 C B ? ? 1_555 B I77 . N15 B ? A LEU 10 A I77 101 1_555 ? ? ? ? ? ? ? 1.427 ? ? 
# 
_struct_conn_type.id          covale 
_struct_conn_type.criteria    ? 
_struct_conn_type.reference   ? 
# 
loop_
_pdbx_modification_feature.ordinal 
_pdbx_modification_feature.label_comp_id 
_pdbx_modification_feature.label_asym_id 
_pdbx_modification_feature.label_seq_id 
_pdbx_modification_feature.label_alt_id 
_pdbx_modification_feature.modified_residue_label_comp_id 
_pdbx_modification_feature.modified_residue_label_asym_id 
_pdbx_modification_feature.modified_residue_label_seq_id 
_pdbx_modification_feature.modified_residue_label_alt_id 
_pdbx_modification_feature.auth_comp_id 
_pdbx_modification_feature.auth_asym_id 
_pdbx_modification_feature.auth_seq_id 
_pdbx_modification_feature.PDB_ins_code 
_pdbx_modification_feature.symmetry 
_pdbx_modification_feature.modified_residue_auth_comp_id 
_pdbx_modification_feature.modified_residue_auth_asym_id 
_pdbx_modification_feature.modified_residue_auth_seq_id 
_pdbx_modification_feature.modified_residue_PDB_ins_code 
_pdbx_modification_feature.modified_residue_symmetry 
_pdbx_modification_feature.comp_id_linking_atom 
_pdbx_modification_feature.modified_residue_id_linking_atom 
_pdbx_modification_feature.modified_residue_id 
_pdbx_modification_feature.ref_pcm_id 
_pdbx_modification_feature.ref_comp_id 
_pdbx_modification_feature.type 
_pdbx_modification_feature.category 
1 AIB A 2 ? .   . . . AIB A 3   ? 1_555 .   . .  . .     .   . ALA 1 AIB Methylation 'Named protein modification'     
2 AIB A 4 ? .   . . . AIB A 5   ? 1_555 .   . .  . .     .   . ALA 1 AIB Methylation 'Named protein modification'     
3 AIB A 6 ? .   . . . AIB A 7   ? 1_555 .   . .  . .     .   . ALA 1 AIB Methylation 'Named protein modification'     
4 AIB A 8 ? .   . . . AIB A 9   ? 1_555 .   . .  . .     .   . ALA 1 AIB Methylation 'Named protein modification'     
5 I77 B . A LEU A 9 A I77 A 101 ? 1_555 LEU A 10 ? 1_555 N15 C LEU 1 I77 None        'Covalent chemical modification' 
6 I77 B . B LEU A 9 B I77 A 101 ? 1_555 LEU A 10 ? 1_555 N15 C LEU 1 I77 None        'Covalent chemical modification' 
7 I6W C . A LEU A 1 A I6W A 102 ? 1_555 LEU A 2  ? 1_555 C02 N LEU 1 I6W None        'Covalent chemical modification' 
8 I6W C . B LEU A 1 B I6W A 102 ? 1_555 LEU A 2  ? 1_555 C02 N LEU 1 I6W None        'Covalent chemical modification' 
# 
_pdbx_entry_details.entry_id                   9BZU 
_pdbx_entry_details.nonpolymer_details         ? 
_pdbx_entry_details.sequence_details           ? 
_pdbx_entry_details.compound_details           ? 
_pdbx_entry_details.source_details             ? 
_pdbx_entry_details.has_ligand_of_interest     Y 
_pdbx_entry_details.has_protein_modification   Y 
# 
loop_
_space_group_symop.id 
_space_group_symop.operation_xyz 
1 x,y,z       
2 -x,y+1/2,-z 
# 
loop_
_chem_comp_atom.comp_id 
_chem_comp_atom.atom_id 
_chem_comp_atom.type_symbol 
_chem_comp_atom.pdbx_aromatic_flag 
_chem_comp_atom.pdbx_stereo_config 
_chem_comp_atom.pdbx_ordinal 
AIB N    N N N 1   
AIB CA   C N N 2   
AIB C    C N N 3   
AIB O    O N N 4   
AIB OXT  O N N 5   
AIB CB1  C N N 6   
AIB CB2  C N N 7   
AIB H    H N N 8   
AIB H2   H N N 9   
AIB HXT  H N N 10  
AIB HB11 H N N 11  
AIB HB12 H N N 12  
AIB HB13 H N N 13  
AIB HB21 H N N 14  
AIB HB22 H N N 15  
AIB HB23 H N N 16  
ALA N    N N N 17  
ALA CA   C N S 18  
ALA C    C N N 19  
ALA O    O N N 20  
ALA CB   C N N 21  
ALA OXT  O N N 22  
ALA H    H N N 23  
ALA H2   H N N 24  
ALA HA   H N N 25  
ALA HB1  H N N 26  
ALA HB2  H N N 27  
ALA HB3  H N N 28  
ALA HXT  H N N 29  
GLN N    N N N 30  
GLN CA   C N S 31  
GLN C    C N N 32  
GLN O    O N N 33  
GLN CB   C N N 34  
GLN CG   C N N 35  
GLN CD   C N N 36  
GLN OE1  O N N 37  
GLN NE2  N N N 38  
GLN OXT  O N N 39  
GLN H    H N N 40  
GLN H2   H N N 41  
GLN HA   H N N 42  
GLN HB2  H N N 43  
GLN HB3  H N N 44  
GLN HG2  H N N 45  
GLN HG3  H N N 46  
GLN HE21 H N N 47  
GLN HE22 H N N 48  
GLN HXT  H N N 49  
I6W C05  C Y N 50  
I6W C08  C Y N 51  
I6W C09  C Y N 52  
I6W N10  N Y N 53  
I6W C02  C N N 54  
I6W C03  C Y N 55  
I6W C04  C Y N 56  
I6W C06  C Y N 57  
I6W C11  C Y N 58  
I6W C12  C Y N 59  
I6W C13  C N N 60  
I6W C15  C N N 61  
I6W C16  C N N 62  
I6W C18  C Y N 63  
I6W C19  C Y N 64  
I6W N07  N Y N 65  
I6W O01  O N N 66  
I6W O14  O N N 67  
I6W O17  O N N 68  
I6W H051 H N N 69  
I6W H041 H N N 70  
I6W H061 H N N 71  
I6W H111 H N N 72  
I6W H152 H N N 73  
I6W H151 H N N 74  
I6W H162 H N N 75  
I6W H163 H N N 76  
I6W H161 H N N 77  
I6W H181 H N N 78  
I6W H191 H N N 79  
I6W OXT  O N N 80  
I6W HXT  H N N 81  
I77 C11  C Y N 82  
I77 C12  C Y N 83  
I77 C13  C N N 84  
I77 C17  C Y N 85  
I77 C18  C Y N 86  
I77 C02  C N N 87  
I77 C03  C Y N 88  
I77 C04  C Y N 89  
I77 C05  C Y N 90  
I77 C06  C Y N 91  
I77 C08  C Y N 92  
I77 C09  C Y N 93  
I77 N01  N N N 94  
I77 N07  N Y N 95  
I77 N10  N Y N 96  
I77 N14  N N N 97  
I77 N15  N N N 98  
I77 O16  O N N 99  
I77 O19  O N N 100 
I77 H111 H N N 101 
I77 H171 H N N 102 
I77 H181 H N N 103 
I77 H041 H N N 104 
I77 H051 H N N 105 
I77 H061 H N N 106 
I77 H011 H N N 107 
I77 H012 H N N 108 
I77 H141 H N N 109 
I77 H1   H N N 110 
I77 H2   H N N 111 
LEU N    N N N 112 
LEU CA   C N S 113 
LEU C    C N N 114 
LEU O    O N N 115 
LEU CB   C N N 116 
LEU CG   C N N 117 
LEU CD1  C N N 118 
LEU CD2  C N N 119 
LEU OXT  O N N 120 
LEU H    H N N 121 
LEU H2   H N N 122 
LEU HA   H N N 123 
LEU HB2  H N N 124 
LEU HB3  H N N 125 
LEU HG   H N N 126 
LEU HD11 H N N 127 
LEU HD12 H N N 128 
LEU HD13 H N N 129 
LEU HD21 H N N 130 
LEU HD22 H N N 131 
LEU HD23 H N N 132 
LEU HXT  H N N 133 
MBN C    C N N 134 
MBN C1   C Y N 135 
MBN C2   C Y N 136 
MBN C3   C Y N 137 
MBN C4   C Y N 138 
MBN C5   C Y N 139 
MBN C6   C Y N 140 
MBN H1   H N N 141 
MBN H2A  H N N 142 
MBN H3A  H N N 143 
MBN H2   H N N 144 
MBN H3   H N N 145 
MBN H4   H N N 146 
MBN H5   H N N 147 
MBN H6   H N N 148 
# 
loop_
_chem_comp_bond.comp_id 
_chem_comp_bond.atom_id_1 
_chem_comp_bond.atom_id_2 
_chem_comp_bond.value_order 
_chem_comp_bond.pdbx_aromatic_flag 
_chem_comp_bond.pdbx_stereo_config 
_chem_comp_bond.pdbx_ordinal 
AIB N   CA   sing N N 1   
AIB N   H    sing N N 2   
AIB N   H2   sing N N 3   
AIB CA  C    sing N N 4   
AIB CA  CB1  sing N N 5   
AIB CA  CB2  sing N N 6   
AIB C   O    doub N N 7   
AIB C   OXT  sing N N 8   
AIB OXT HXT  sing N N 9   
AIB CB1 HB11 sing N N 10  
AIB CB1 HB12 sing N N 11  
AIB CB1 HB13 sing N N 12  
AIB CB2 HB21 sing N N 13  
AIB CB2 HB22 sing N N 14  
AIB CB2 HB23 sing N N 15  
ALA N   CA   sing N N 16  
ALA N   H    sing N N 17  
ALA N   H2   sing N N 18  
ALA CA  C    sing N N 19  
ALA CA  CB   sing N N 20  
ALA CA  HA   sing N N 21  
ALA C   O    doub N N 22  
ALA C   OXT  sing N N 23  
ALA CB  HB1  sing N N 24  
ALA CB  HB2  sing N N 25  
ALA CB  HB3  sing N N 26  
ALA OXT HXT  sing N N 27  
GLN N   CA   sing N N 28  
GLN N   H    sing N N 29  
GLN N   H2   sing N N 30  
GLN CA  C    sing N N 31  
GLN CA  CB   sing N N 32  
GLN CA  HA   sing N N 33  
GLN C   O    doub N N 34  
GLN C   OXT  sing N N 35  
GLN CB  CG   sing N N 36  
GLN CB  HB2  sing N N 37  
GLN CB  HB3  sing N N 38  
GLN CG  CD   sing N N 39  
GLN CG  HG2  sing N N 40  
GLN CG  HG3  sing N N 41  
GLN CD  OE1  doub N N 42  
GLN CD  NE2  sing N N 43  
GLN NE2 HE21 sing N N 44  
GLN NE2 HE22 sing N N 45  
GLN OXT HXT  sing N N 46  
I6W O01 C02  doub N N 47  
I6W C02 C03  sing N N 48  
I6W C03 C06  doub Y N 49  
I6W C03 C04  sing Y N 50  
I6W C06 N07  sing Y N 51  
I6W C04 C05  doub Y N 52  
I6W N07 C08  doub Y N 53  
I6W C05 C08  sing Y N 54  
I6W C08 C09  sing N N 55  
I6W C09 C19  doub Y N 56  
I6W C09 N10  sing Y N 57  
I6W C19 C18  sing Y N 58  
I6W N10 C11  doub Y N 59  
I6W C18 C12  doub Y N 60  
I6W C11 C12  sing Y N 61  
I6W C12 C13  sing N N 62  
I6W C13 O17  doub N N 63  
I6W C13 O14  sing N N 64  
I6W O14 C15  sing N N 65  
I6W C15 C16  sing N N 66  
I6W C05 H051 sing N N 67  
I6W C04 H041 sing N N 68  
I6W C06 H061 sing N N 69  
I6W C11 H111 sing N N 70  
I6W C15 H152 sing N N 71  
I6W C15 H151 sing N N 72  
I6W C16 H162 sing N N 73  
I6W C16 H163 sing N N 74  
I6W C16 H161 sing N N 75  
I6W C18 H181 sing N N 76  
I6W C19 H191 sing N N 77  
I6W C02 OXT  sing N N 78  
I6W OXT HXT  sing N N 79  
I77 N15 N14  sing N N 80  
I77 O16 C13  doub N N 81  
I77 N14 C13  sing N N 82  
I77 C13 C12  sing N N 83  
I77 C12 C17  doub Y N 84  
I77 C12 C11  sing Y N 85  
I77 C17 C18  sing Y N 86  
I77 C11 N10  doub Y N 87  
I77 C18 C09  doub Y N 88  
I77 N10 C09  sing Y N 89  
I77 C09 C08  sing N N 90  
I77 C08 N07  doub Y N 91  
I77 C08 C05  sing Y N 92  
I77 N07 C06  sing Y N 93  
I77 C05 C04  doub Y N 94  
I77 C06 C03  doub Y N 95  
I77 C04 C03  sing Y N 96  
I77 C03 C02  sing N N 97  
I77 C02 N01  sing N N 98  
I77 C02 O19  doub N N 99  
I77 C11 H111 sing N N 100 
I77 C17 H171 sing N N 101 
I77 C18 H181 sing N N 102 
I77 C04 H041 sing N N 103 
I77 C05 H051 sing N N 104 
I77 C06 H061 sing N N 105 
I77 N01 H011 sing N N 106 
I77 N01 H012 sing N N 107 
I77 N14 H141 sing N N 108 
I77 N15 H1   sing N N 109 
I77 N15 H2   sing N N 110 
LEU N   CA   sing N N 111 
LEU N   H    sing N N 112 
LEU N   H2   sing N N 113 
LEU CA  C    sing N N 114 
LEU CA  CB   sing N N 115 
LEU CA  HA   sing N N 116 
LEU C   O    doub N N 117 
LEU C   OXT  sing N N 118 
LEU CB  CG   sing N N 119 
LEU CB  HB2  sing N N 120 
LEU CB  HB3  sing N N 121 
LEU CG  CD1  sing N N 122 
LEU CG  CD2  sing N N 123 
LEU CG  HG   sing N N 124 
LEU CD1 HD11 sing N N 125 
LEU CD1 HD12 sing N N 126 
LEU CD1 HD13 sing N N 127 
LEU CD2 HD21 sing N N 128 
LEU CD2 HD22 sing N N 129 
LEU CD2 HD23 sing N N 130 
LEU OXT HXT  sing N N 131 
MBN C   C1   sing N N 132 
MBN C   H1   sing N N 133 
MBN C   H2A  sing N N 134 
MBN C   H3A  sing N N 135 
MBN C1  C2   doub Y N 136 
MBN C1  C6   sing Y N 137 
MBN C2  C3   sing Y N 138 
MBN C2  H2   sing N N 139 
MBN C3  C4   doub Y N 140 
MBN C3  H3   sing N N 141 
MBN C4  C5   sing Y N 142 
MBN C4  H4   sing N N 143 
MBN C5  C6   doub Y N 144 
MBN C5  H5   sing N N 145 
MBN C6  H6   sing N N 146 
# 
_pdbx_audit_support.funding_organization   'Department of Energy (DOE, United States)' 
_pdbx_audit_support.country                'United States' 
_pdbx_audit_support.grant_number           DE-AC02-06CH11357 
_pdbx_audit_support.ordinal                1 
# 
_pdbx_initial_refinement_model.id               1 
_pdbx_initial_refinement_model.entity_id_list   ? 
_pdbx_initial_refinement_model.type             'experimental model' 
_pdbx_initial_refinement_model.source_name      PDB 
_pdbx_initial_refinement_model.accession_code   7TLS 
_pdbx_initial_refinement_model.details          ? 
# 
_space_group.name_H-M_alt     'P 1 21 1' 
_space_group.name_Hall        'P 2yb' 
_space_group.IT_number        4 
_space_group.crystal_system   monoclinic 
_space_group.id               1 
# 
_atom_sites.entry_id                    9BZU 
_atom_sites.Cartn_transf_matrix[1][1]   ? 
_atom_sites.Cartn_transf_matrix[1][2]   ? 
_atom_sites.Cartn_transf_matrix[1][3]   ? 
_atom_sites.Cartn_transf_matrix[2][1]   ? 
_atom_sites.Cartn_transf_matrix[2][2]   ? 
_atom_sites.Cartn_transf_matrix[2][3]   ? 
_atom_sites.Cartn_transf_matrix[3][1]   ? 
_atom_sites.Cartn_transf_matrix[3][2]   ? 
_atom_sites.Cartn_transf_matrix[3][3]   ? 
_atom_sites.Cartn_transf_vector[1]      ? 
_atom_sites.Cartn_transf_vector[2]      ? 
_atom_sites.Cartn_transf_vector[3]      ? 
_atom_sites.Cartn_transform_axes        ? 
_atom_sites.fract_transf_matrix[1][1]   0.04442396 
_atom_sites.fract_transf_matrix[1][2]   -0.01917588 
_atom_sites.fract_transf_matrix[1][3]   -0.05474590 
_atom_sites.fract_transf_matrix[2][1]   -0.04887946 
_atom_sites.fract_transf_matrix[2][2]   -0.05170383 
_atom_sites.fract_transf_matrix[2][3]   -0.02155327 
_atom_sites.fract_transf_matrix[3][1]   -0.01122479 
_atom_sites.fract_transf_matrix[3][2]   0.02149108 
_atom_sites.fract_transf_matrix[3][3]   -0.02609857 
_atom_sites.fract_transf_vector[1]      -0.392493 
_atom_sites.fract_transf_vector[2]      -0.215334 
_atom_sites.fract_transf_vector[3]      -0.172818 
_atom_sites.solution_primary            ? 
_atom_sites.solution_secondary          ? 
_atom_sites.solution_hydrogens          ? 
_atom_sites.special_details             ? 
# 
loop_
_atom_type.symbol 
_atom_type.scat_dispersion_real 
_atom_type.scat_dispersion_imag 
_atom_type.scat_Cromer_Mann_a1 
_atom_type.scat_Cromer_Mann_a2 
_atom_type.scat_Cromer_Mann_a3 
_atom_type.scat_Cromer_Mann_a4 
_atom_type.scat_Cromer_Mann_b1 
_atom_type.scat_Cromer_Mann_b2 
_atom_type.scat_Cromer_Mann_b3 
_atom_type.scat_Cromer_Mann_b4 
_atom_type.scat_Cromer_Mann_c 
_atom_type.scat_source 
_atom_type.scat_dispersion_source 
C ? ? 2.51340 1.74867 1.72398 ? 31.80534 0.44561  10.58317 ? 0.0 
;3-Gaussian fit: Grosse-Kunstleve RW, Sauter NK, Adams PD: Newsletter of the IUCr Commission on Crystallographic Computing 2004, 3, 22-31.
;
? 
H ? ? 0.53795 0.34799 0.11320 ? 10.08003 29.74760 2.57510  ? 0.0 
;3-Gaussian fit: Grosse-Kunstleve RW, Sauter NK, Adams PD: Newsletter of the IUCr Commission on Crystallographic Computing 2004, 3, 22-31.
;
? 
N ? ? 2.99955 2.25584 1.72788 ? 23.27268 7.45433  0.31622  ? 0.0 
;3-Gaussian fit: Grosse-Kunstleve RW, Sauter NK, Adams PD: Newsletter of the IUCr Commission on Crystallographic Computing 2004, 3, 22-31.
;
? 
O ? ? 4.49882 3.47563 ?       ? 15.80542 1.70748  ?        ? 0.0 
;2-Gaussian fit: Grosse-Kunstleve RW, Sauter NK, Adams PD: Newsletter of the IUCr Commission on Crystallographic Computing 2004, 3, 22-31.
;
? 
# 
loop_
_atom_site.group_PDB 
_atom_site.id 
_atom_site.type_symbol 
_atom_site.label_atom_id 
_atom_site.label_alt_id 
_atom_site.label_comp_id 
_atom_site.label_asym_id 
_atom_site.label_entity_id 
_atom_site.label_seq_id 
_atom_site.pdbx_PDB_ins_code 
_atom_site.Cartn_x 
_atom_site.Cartn_y 
_atom_site.Cartn_z 
_atom_site.occupancy 
_atom_site.B_iso_or_equiv 
_atom_site.pdbx_formal_charge 
_atom_site.auth_seq_id 
_atom_site.auth_comp_id 
_atom_site.auth_asym_id 
_atom_site.auth_atom_id 
_atom_site.pdbx_PDB_model_num 
ATOM   1   N N    A LEU A 1 1 ? 7.55602  0.07011   -0.32450 0.850 5.74818  ? 2   LEU A N    1 
ATOM   2   N N    B LEU A 1 1 ? 7.74568  0.13503   -1.05130 0.150 9.25705  ? 2   LEU A N    1 
ATOM   3   C CA   A LEU A 1 1 ? 6.79488  0.97721   -1.14195 0.850 5.11029  ? 2   LEU A CA   1 
ATOM   4   C CA   B LEU A 1 1 ? 6.71920  1.11479   -1.36959 0.150 8.33181  ? 2   LEU A CA   1 
ATOM   5   C C    A LEU A 1 1 ? 5.42193  0.35921   -1.49559 0.850 5.05563  ? 2   LEU A C    1 
ATOM   6   C C    B LEU A 1 1 ? 5.39216  0.42157   -1.69309 0.150 6.90252  ? 2   LEU A C    1 
ATOM   7   O O    A LEU A 1 1 ? 4.38162  0.98138   -1.30668 0.850 5.11091  ? 2   LEU A O    1 
ATOM   8   O O    B LEU A 1 1 ? 4.34393  1.06540   -1.65732 0.150 6.74058  ? 2   LEU A O    1 
ATOM   9   C CB   A LEU A 1 1 ? 7.58106  1.33677   -2.39277 0.850 5.48130  ? 2   LEU A CB   1 
ATOM   10  C CB   B LEU A 1 1 ? 7.17990  2.04298   -2.50975 0.150 8.88171  ? 2   LEU A CB   1 
ATOM   11  C CG   A LEU A 1 1 ? 6.81358  2.03929   -3.48555 0.850 5.81756  ? 2   LEU A CG   1 
ATOM   12  C CG   B LEU A 1 1 ? 6.28979  2.35989   -3.71953 0.150 8.88500  ? 2   LEU A CG   1 
ATOM   13  C CD1  A LEU A 1 1 ? 6.18698  3.35978   -3.02336 0.850 6.79071  ? 2   LEU A CD1  1 
ATOM   14  C CD1  B LEU A 1 1 ? 5.34076  3.51405   -3.42188 0.150 8.97853  ? 2   LEU A CD1  1 
ATOM   15  C CD2  A LEU A 1 1 ? 7.72752  2.23630   -4.67645 0.850 6.84128  ? 2   LEU A CD2  1 
ATOM   16  C CD2  B LEU A 1 1 ? 7.17251  2.69370   -4.91839 0.150 8.88794  ? 2   LEU A CD2  1 
ATOM   17  H H1   A LEU A 1 1 ? 8.37632  -0.02978  -0.56324 0.850 6.90401  ? 2   LEU A H1   1 
ATOM   18  H H1   B LEU A 1 1 ? 8.50419  0.28733   -1.42688 0.150 11.11465 ? 2   LEU A H1   1 
ATOM   19  H HA   A LEU A 1 1 ? 6.62727  1.80264   -0.66083 0.850 6.13854  ? 2   LEU A HA   1 
ATOM   20  H HA   B LEU A 1 1 ? 6.56245  1.68567   -0.60120 0.150 10.00436 ? 2   LEU A HA   1 
ATOM   21  H HB2  A LEU A 1 1 ? 8.30932  1.92244   -2.13288 0.850 6.58375  ? 2   LEU A HB2  1 
ATOM   22  H HB2  B LEU A 1 1 ? 7.38214  2.90076   -2.10453 0.150 10.66424 ? 2   LEU A HB2  1 
ATOM   23  H HB3  A LEU A 1 1 ? 7.93400  0.51706   -2.77277 0.850 6.58375  ? 2   LEU A HB3  1 
ATOM   24  H HB3  B LEU A 1 1 ? 7.98749  1.65104   -2.87730 0.150 10.66424 ? 2   LEU A HB3  1 
ATOM   25  H HG   A LEU A 1 1 ? 6.06114  1.48593   -3.74731 0.850 6.98726  ? 2   LEU A HG   1 
ATOM   26  H HG   B LEU A 1 1 ? 5.74370  1.58553   -3.92704 0.150 10.66819 ? 2   LEU A HG   1 
ATOM   27  H HD11 A LEU A 1 1 ? 5.42375  3.16597   -2.45695 0.850 8.15505  ? 2   LEU A HD11 1 
ATOM   28  H HD11 B LEU A 1 1 ? 5.70368  4.04140   -2.69312 0.150 10.78043 ? 2   LEU A HD11 1 
ATOM   29  H HD12 A LEU A 1 1 ? 6.84811  3.86594   -2.52577 0.850 8.15505  ? 2   LEU A HD12 1 
ATOM   30  H HD12 B LEU A 1 1 ? 5.25311  4.06373   -4.21627 0.150 10.78043 ? 2   LEU A HD12 1 
ATOM   31  H HD13 A LEU A 1 1 ? 5.90183  3.86351   -3.80172 0.850 8.15505  ? 2   LEU A HD13 1 
ATOM   32  H HD13 B LEU A 1 1 ? 4.47538  3.15469   -3.17117 0.150 10.78043 ? 2   LEU A HD13 1 
ATOM   33  H HD21 A LEU A 1 1 ? 8.42606  2.86558   -4.43776 0.850 8.21573  ? 2   LEU A HD21 1 
ATOM   34  H HD21 B LEU A 1 1 ? 8.01280  3.05890   -4.59990 0.150 10.67172 ? 2   LEU A HD21 1 
ATOM   35  H HD22 A LEU A 1 1 ? 8.11976  1.38269   -4.91813 0.850 8.21573  ? 2   LEU A HD22 1 
ATOM   36  H HD22 B LEU A 1 1 ? 7.33528  1.88337   -5.42608 0.150 10.67172 ? 2   LEU A HD22 1 
ATOM   37  H HD23 A LEU A 1 1 ? 7.20866  2.58390   -5.41864 0.850 8.21573  ? 2   LEU A HD23 1 
ATOM   38  H HD23 B LEU A 1 1 ? 6.71757  3.34612   -5.47360 0.150 10.67172 ? 2   LEU A HD23 1 
HETATM 39  N N    . AIB A 1 2 ? 5.41686  -0.87848  -1.99322 1.000 5.58345  ? 3   AIB A N    1 
HETATM 40  C CA   . AIB A 1 2 ? 4.17865  -1.53911  -2.35745 1.000 5.15486  ? 3   AIB A CA   1 
HETATM 41  C C    . AIB A 1 2 ? 3.22367  -1.53073  -1.14855 1.000 5.36854  ? 3   AIB A C    1 
HETATM 42  O O    . AIB A 1 2 ? 2.03880  -1.20686  -1.25941 1.000 5.69538  ? 3   AIB A O    1 
HETATM 43  C CB1  . AIB A 1 2 ? 3.52481  -0.85648  -3.55758 1.000 6.33386  ? 3   AIB A CB1  1 
HETATM 44  C CB2  . AIB A 1 2 ? 4.45834  -3.00013  -2.71066 1.000 5.92983  ? 3   AIB A CB2  1 
HETATM 45  H H    . AIB A 1 2 ? 6.14317  -1.55122  -1.84529 1.000 6.70633  ? 3   AIB A H    1 
HETATM 46  H HB11 . AIB A 1 2 ? 4.27492  -0.73183  -4.37443 1.000 7.60682  ? 3   AIB A HB11 1 
HETATM 47  H HB12 . AIB A 1 2 ? 2.67683  -1.47965  -3.92915 1.000 7.60682  ? 3   AIB A HB12 1 
HETATM 48  H HB13 . AIB A 1 2 ? 3.13942  0.14655   -3.25620 1.000 7.60682  ? 3   AIB A HB13 1 
HETATM 49  H HB21 . AIB A 1 2 ? 3.51517  -3.47407  -3.07603 1.000 7.12198  ? 3   AIB A HB21 1 
HETATM 50  H HB22 . AIB A 1 2 ? 5.23757  -3.03942  -3.51000 1.000 7.12198  ? 3   AIB A HB22 1 
HETATM 51  H HB23 . AIB A 1 2 ? 4.82247  -3.53260  -1.79874 1.000 7.12198  ? 3   AIB A HB23 1 
ATOM   52  N N    . ALA A 1 3 ? 3.74084  -1.86625  0.02735  1.000 5.98220  ? 4   ALA A N    1 
ATOM   53  C CA   . ALA A 1 3 ? 2.92583  -1.92715  1.24582  1.000 6.45967  ? 4   ALA A CA   1 
ATOM   54  C C    . ALA A 1 3 ? 2.32995  -0.55985  1.58942  1.000 6.10011  ? 4   ALA A C    1 
ATOM   55  O O    . ALA A 1 3 ? 1.18885  -0.47284  2.04178  1.000 6.75382  ? 4   ALA A O    1 
ATOM   56  C CB   . ALA A 1 3 ? 3.72323  -2.44335  2.38077  1.000 7.94353  ? 4   ALA A CB   1 
ATOM   57  H H    . ALA A 1 3 ? 4.56799  -2.06582  0.15226  1.000 7.18483  ? 4   ALA A H    1 
ATOM   58  H HA   . ALA A 1 3 ? 2.19022  -2.54055  1.09246  1.000 7.75779  ? 4   ALA A HA   1 
ATOM   59  H HB1  . ALA A 1 3 ? 4.01003  -3.34790  2.17966  1.000 9.53843  ? 4   ALA A HB1  1 
ATOM   60  H HB2  . ALA A 1 3 ? 4.49652  -1.87200  2.50914  1.000 9.53843  ? 4   ALA A HB2  1 
ATOM   61  H HB3  . ALA A 1 3 ? 3.17359  -2.44060  3.18000  1.000 9.53843  ? 4   ALA A HB3  1 
HETATM 62  N N    . AIB A 1 4 ? 3.12597  0.49692   1.39172  1.000 5.79970  ? 5   AIB A N    1 
HETATM 63  C CA   . AIB A 1 4 ? 2.70801  1.85859   1.69142  1.000 6.33174  ? 5   AIB A CA   1 
HETATM 64  C C    . AIB A 1 4 ? 1.42365  2.21318   0.92734  1.000 5.71905  ? 5   AIB A C    1 
HETATM 65  O O    . AIB A 1 4 ? 0.54826  2.91708   1.40446  1.000 6.34162  ? 5   AIB A O    1 
HETATM 66  C CB1  . AIB A 1 4 ? 2.44532  2.04143   3.20558  1.000 7.81670  ? 5   AIB A CB1  1 
HETATM 67  C CB2  . AIB A 1 4 ? 3.79195  2.83644   1.23782  1.000 6.97784  ? 5   AIB A CB2  1 
HETATM 68  H H    . AIB A 1 4 ? 3.88354  0.51215   0.73763  1.000 6.96583  ? 5   AIB A H    1 
HETATM 69  H HB11 . AIB A 1 4 ? 1.56880  1.42278   3.51292  1.000 9.38623  ? 5   AIB A HB11 1 
HETATM 70  H HB12 . AIB A 1 4 ? 3.34338  1.71993   3.78490  1.000 9.38623  ? 5   AIB A HB12 1 
HETATM 71  H HB13 . AIB A 1 4 ? 2.23214  3.11494   3.42367  1.000 9.38623  ? 5   AIB A HB13 1 
HETATM 72  H HB21 . AIB A 1 4 ? 4.74780  2.58953   1.76038  1.000 8.37960  ? 5   AIB A HB21 1 
HETATM 73  H HB22 . AIB A 1 4 ? 3.92803  2.74338   0.13305  1.000 8.37960  ? 5   AIB A HB22 1 
HETATM 74  H HB23 . AIB A 1 4 ? 3.47596  3.87641   1.49533  1.000 8.37960  ? 5   AIB A HB23 1 
ATOM   75  N N    A LEU A 1 5 ? 1.33077  1.70047   -0.30521 0.540 5.42302  ? 6   LEU A N    1 
ATOM   76  N N    B LEU A 1 5 ? 1.33561  1.69767   -0.30556 0.460 5.42096  ? 6   LEU A N    1 
ATOM   77  C CA   A LEU A 1 5 ? 0.13553  1.90271   -1.11907 0.540 5.04447  ? 6   LEU A CA   1 
ATOM   78  C CA   B LEU A 1 5 ? 0.14191  1.87323   -1.13430 0.460 5.11220  ? 6   LEU A CA   1 
ATOM   79  C C    A LEU A 1 5 ? -0.96794 0.89339   -0.77564 0.540 5.69638  ? 6   LEU A C    1 
ATOM   80  C C    B LEU A 1 5 ? -0.96301 0.90209   -0.73635 0.460 5.51676  ? 6   LEU A C    1 
ATOM   81  O O    A LEU A 1 5 ? -2.14248 1.25181   -0.73054 0.540 5.76847  ? 6   LEU A O    1 
ATOM   82  O O    B LEU A 1 5 ? -2.12599 1.29855   -0.59581 0.460 5.61413  ? 6   LEU A O    1 
ATOM   83  C CB   A LEU A 1 5 ? 0.48703  1.82474   -2.61017 0.540 5.50098  ? 6   LEU A CB   1 
ATOM   84  C CB   B LEU A 1 5 ? 0.48696  1.68178   -2.61627 0.460 5.61778  ? 6   LEU A CB   1 
ATOM   85  C CG   A LEU A 1 5 ? 1.03112  3.09615   -3.28933 0.540 5.88208  ? 6   LEU A CG   1 
ATOM   86  C CG   B LEU A 1 5 ? 1.64928  2.54192   -3.11379 0.460 6.07697  ? 6   LEU A CG   1 
ATOM   87  C CD1  A LEU A 1 5 ? 2.28070  3.65175   -2.58287 0.540 6.24677  ? 6   LEU A CD1  1 
ATOM   88  C CD1  B LEU A 1 5 ? 1.79858  2.44366   -4.61820 0.460 6.68934  ? 6   LEU A CD1  1 
ATOM   89  C CD2  A LEU A 1 5 ? 1.33629  2.78767   -4.75083 0.540 6.57174  ? 6   LEU A CD2  1 
ATOM   90  C CD2  B LEU A 1 5 ? 1.47069  3.98673   -2.69007 0.460 6.54896  ? 6   LEU A CD2  1 
ATOM   91  H H    A LEU A 1 5 ? 1.94494  1.23502   -0.68700 0.540 6.51382  ? 6   LEU A H    1 
ATOM   92  H H    B LEU A 1 5 ? 1.95795  1.24054   -0.68415 0.460 6.51134  ? 6   LEU A H    1 
ATOM   93  H HA   A LEU A 1 5 ? -0.21864 2.78693   -0.93570 0.540 6.05955  ? 6   LEU A HA   1 
ATOM   94  H HA   B LEU A 1 5 ? -0.19192 2.77511   -1.00753 0.460 6.14083  ? 6   LEU A HA   1 
ATOM   95  H HB2  A LEU A 1 5 ? 1.16450  1.13897   -2.71809 0.540 6.60736  ? 6   LEU A HB2  1 
ATOM   96  H HB2  B LEU A 1 5 ? 0.72702  0.75291   -2.75926 0.460 6.74753  ? 6   LEU A HB2  1 
ATOM   97  H HB3  A LEU A 1 5 ? -0.31780 1.57447   -3.09029 0.540 6.60736  ? 6   LEU A HB3  1 
ATOM   98  H HB3  B LEU A 1 5 ? -0.29341 1.90810   -3.14608 0.460 6.74753  ? 6   LEU A HB3  1 
ATOM   99  H HG   A LEU A 1 5 ? 0.35660  3.79099   -3.23337 0.540 7.06468  ? 6   LEU A HG   1 
ATOM   100 H HG   B LEU A 1 5 ? 2.46784  2.20928   -2.71352 0.460 7.29855  ? 6   LEU A HG   1 
ATOM   101 H HD11 A LEU A 1 5 ? 2.95319  2.95429   -2.53579 0.540 7.50232  ? 6   LEU A HD11 1 
ATOM   102 H HD11 B LEU A 1 5 ? 2.03054  1.53171   -4.85364 0.460 8.03340  ? 6   LEU A HD11 1 
ATOM   103 H HD12 A LEU A 1 5 ? 2.62096  4.40566   -3.08957 0.540 7.50232  ? 6   LEU A HD12 1 
ATOM   104 H HD12 B LEU A 1 5 ? 0.95825  2.68954   -5.03567 0.460 8.03340  ? 6   LEU A HD12 1 
ATOM   105 H HD13 A LEU A 1 5 ? 2.03708  3.93726   -1.68844 0.540 7.50232  ? 6   LEU A HD13 1 
ATOM   106 H HD13 B LEU A 1 5 ? 2.50032  3.04830   -4.90606 0.460 8.03340  ? 6   LEU A HD13 1 
ATOM   107 H HD21 A LEU A 1 5 ? 0.57588  2.33019   -5.14249 0.540 7.89228  ? 6   LEU A HD21 1 
ATOM   108 H HD21 B LEU A 1 5 ? 0.56551  4.26704   -2.89737 0.460 7.86495  ? 6   LEU A HD21 1 
ATOM   109 H HD22 A LEU A 1 5 ? 1.50014  3.61976   -5.22168 0.540 7.89228  ? 6   LEU A HD22 1 
ATOM   110 H HD22 B LEU A 1 5 ? 1.62857  4.05775   -1.73565 0.460 7.86495  ? 6   LEU A HD22 1 
ATOM   111 H HD23 A LEU A 1 5 ? 2.12250  2.22137   -4.79657 0.540 7.89228  ? 6   LEU A HD23 1 
ATOM   112 H HD23 B LEU A 1 5 ? 2.10639  4.53819   -3.17243 0.460 7.86495  ? 6   LEU A HD23 1 
HETATM 113 N N    . AIB A 1 6 ? -0.56560 -0.36259  -0.56480 1.000 5.97963  ? 7   AIB A N    1 
HETATM 114 C CA   . AIB A 1 6 ? -1.46654 -1.48113  -0.33948 1.000 6.36505  ? 7   AIB A CA   1 
HETATM 115 C C    . AIB A 1 6 ? -2.37635 -1.28877  0.87152  1.000 5.70779  ? 7   AIB A C    1 
HETATM 116 O O    . AIB A 1 6 ? -3.45100 -1.87789  0.96431  1.000 5.86514  ? 7   AIB A O    1 
HETATM 117 C CB1  . AIB A 1 6 ? -2.36416 -1.72367  -1.56821 1.000 7.70419  ? 7   AIB A CB1  1 
HETATM 118 C CB2  . AIB A 1 6 ? -0.65502 -2.76846  -0.05365 1.000 7.30291  ? 7   AIB A CB2  1 
HETATM 119 H H    . AIB A 1 6 ? 0.31513  -0.71888  -0.88006 1.000 7.18174  ? 7   AIB A H    1 
HETATM 120 H HB11 . AIB A 1 6 ? -3.02325 -2.60537  -1.38468 1.000 9.25122  ? 7   AIB A HB11 1 
HETATM 121 H HB12 . AIB A 1 6 ? -2.99739 -0.82396  -1.75522 1.000 9.25122  ? 7   AIB A HB12 1 
HETATM 122 H HB13 . AIB A 1 6 ? -1.72959 -1.91945  -2.46513 1.000 9.25122  ? 7   AIB A HB13 1 
HETATM 123 H HB21 . AIB A 1 6 ? -1.36238 -3.61994  0.09576  1.000 8.76968  ? 7   AIB A HB21 1 
HETATM 124 H HB22 . AIB A 1 6 ? 0.01398  -2.97852  -0.92313 1.000 8.76968  ? 7   AIB A HB22 1 
HETATM 125 H HB23 . AIB A 1 6 ? -0.04313 -2.61673  0.86844  1.000 8.76968  ? 7   AIB A HB23 1 
ATOM   126 N N    . GLN A 1 7 ? -1.93338 -0.45741  1.81016  1.000 5.44423  ? 8   GLN A N    1 
ATOM   127 C CA   . GLN A 1 7 ? -2.77016 -0.20312  2.98766  1.000 5.13939  ? 8   GLN A CA   1 
ATOM   128 C C    . GLN A 1 7 ? -4.15486 0.32422   2.58771  1.000 4.86490  ? 8   GLN A C    1 
ATOM   129 O O    . GLN A 1 7 ? -5.11412 0.09218   3.34019  1.000 5.34473  ? 8   GLN A O    1 
ATOM   130 C CB   . GLN A 1 7 ? -2.10570 0.76305   3.95206  1.000 5.21759  ? 8   GLN A CB   1 
ATOM   131 C CG   . GLN A 1 7 ? -2.00488 2.18530   3.44543  1.000 5.36339  ? 8   GLN A CG   1 
ATOM   132 C CD   . GLN A 1 7 ? -1.32356 3.09328   4.44165  1.000 5.13553  ? 8   GLN A CD   1 
ATOM   133 O OE1  . GLN A 1 7 ? -1.71883 3.16783   5.61166  1.000 5.52569  ? 8   GLN A OE1  1 
ATOM   134 N NE2  . GLN A 1 7 ? -0.30042 3.80338   3.99808  1.000 5.84185  ? 8   GLN A NE2  1 
ATOM   135 H H    . GLN A 1 7 ? -1.18053 -0.04207  1.79234  1.000 6.53927  ? 8   GLN A H    1 
ATOM   136 H HA   . GLN A 1 7 ? -2.88820 -1.04461  3.45548  1.000 6.17346  ? 8   GLN A HA   1 
ATOM   137 H HB2  . GLN A 1 7 ? -2.61947 0.78078   4.77463  1.000 6.26730  ? 8   GLN A HB2  1 
ATOM   138 H HB3  . GLN A 1 7 ? -1.20475 0.45097   4.13031  1.000 6.26730  ? 8   GLN A HB3  1 
ATOM   139 H HG2  . GLN A 1 7 ? -1.48938 2.19556   2.62381  1.000 6.44225  ? 8   GLN A HG2  1 
ATOM   140 H HG3  . GLN A 1 7 ? -2.89679 2.52972   3.28179  1.000 6.44225  ? 8   GLN A HG3  1 
ATOM   141 H HE21 . GLN A 1 7 ? -0.05299 3.73474   3.17731  1.000 7.01642  ? 8   GLN A HE21 1 
ATOM   142 H HE22 . GLN A 1 7 ? 0.11771  4.33395   4.53031  1.000 7.01642  ? 8   GLN A HE22 1 
HETATM 143 N N    . AIB A 1 8 ? -4.27148 1.00035   1.44938  1.000 5.00885  ? 9   AIB A N    1 
HETATM 144 C CA   . AIB A 1 8 ? -5.55828 1.49383   0.93531  1.000 5.46723  ? 9   AIB A CA   1 
HETATM 145 C C    . AIB A 1 8 ? -6.58426 0.35171   0.80657  1.000 5.22178  ? 9   AIB A C    1 
HETATM 146 O O    . AIB A 1 8 ? -7.78958 0.57092   0.91055  1.000 6.05417  ? 9   AIB A O    1 
HETATM 147 C CB1  . AIB A 1 8 ? -6.16217 2.56658   1.86518  1.000 6.23199  ? 9   AIB A CB1  1 
HETATM 148 C CB2  . AIB A 1 8 ? -5.31192 2.04660   -0.46529 1.000 6.34562  ? 9   AIB A CB2  1 
HETATM 149 H H    . AIB A 1 8 ? -3.61556 0.93794   0.69580  1.000 6.01681  ? 9   AIB A H    1 
HETATM 150 H HB11 . AIB A 1 8 ? -6.26960 2.15355   2.89635  1.000 7.48458  ? 9   AIB A HB11 1 
HETATM 151 H HB12 . AIB A 1 8 ? -5.49290 3.45914   1.89457  1.000 7.48458  ? 9   AIB A HB12 1 
HETATM 152 H HB13 . AIB A 1 8 ? -7.16599 2.87217   1.48517  1.000 7.48458  ? 9   AIB A HB13 1 
HETATM 153 H HB21 . AIB A 1 8 ? -6.22774 2.58425   -0.81155 1.000 7.62093  ? 9   AIB A HB21 1 
HETATM 154 H HB22 . AIB A 1 8 ? -4.44688 2.75250   -0.43189 1.000 7.62093  ? 9   AIB A HB22 1 
HETATM 155 H HB23 . AIB A 1 8 ? -5.08444 1.19952   -1.15696 1.000 7.62093  ? 9   AIB A HB23 1 
ATOM   156 N N    A LEU A 1 9 ? -6.05451 -0.85149  0.52220  0.821 5.08728  ? 10  LEU A N    1 
ATOM   157 N N    B LEU A 1 9 ? -6.08923 -0.85525  0.53875  0.179 5.78013  ? 10  LEU A N    1 
ATOM   158 C CA   A LEU A 1 9 ? -6.85267 -2.07459  0.34386  0.821 5.53796  ? 10  LEU A CA   1 
ATOM   159 C CA   B LEU A 1 9 ? -6.95636 -1.99526  0.25777  0.179 6.27926  ? 10  LEU A CA   1 
ATOM   160 C C    A LEU A 1 9 ? -6.66840 -3.05287  1.46334  0.821 5.59433  ? 10  LEU A C    1 
ATOM   161 C C    B LEU A 1 9 ? -6.95963 -2.98265  1.41288  0.179 6.40047  ? 10  LEU A C    1 
ATOM   162 O O    A LEU A 1 9 ? -6.96857 -4.23140  1.37974  0.821 6.20559  ? 10  LEU A O    1 
ATOM   163 O O    B LEU A 1 9 ? -8.00359 -3.52010  1.80008  0.179 6.48021  ? 10  LEU A O    1 
ATOM   164 C CB   A LEU A 1 9 ? -6.49534 -2.77601  -0.98019 0.821 5.73416  ? 10  LEU A CB   1 
ATOM   165 C CB   B LEU A 1 9 ? -6.51241 -2.69264  -1.03875 0.179 6.23612  ? 10  LEU A CB   1 
ATOM   166 C CG   A LEU A 1 9 ? -6.48197 -1.85631  -2.19421 0.821 6.35307  ? 10  LEU A CG   1 
ATOM   167 C CG   B LEU A 1 9 ? -6.69560 -1.86381  -2.31642 0.179 6.16574  ? 10  LEU A CG   1 
ATOM   168 C CD1  A LEU A 1 9 ? -6.10557 -2.68943  -3.42757 0.821 7.80121  ? 10  LEU A CD1  1 
ATOM   169 C CD1  B LEU A 1 9 ? -6.15692 -2.60521  -3.53809 0.179 6.16891  ? 10  LEU A CD1  1 
ATOM   170 C CD2  A LEU A 1 9 ? -7.82965 -1.14308  -2.37992 0.821 6.22511  ? 10  LEU A CD2  1 
ATOM   171 C CD2  B LEU A 1 9 ? -8.16222 -1.48054  -2.51608 0.179 5.96854  ? 10  LEU A CD2  1 
ATOM   172 H H    A LEU A 1 9 ? -5.21094 -0.98772  0.42510  0.821 6.11093  ? 10  LEU A H    1 
ATOM   173 H H    B LEU A 1 9 ? -5.24968 -1.04001  0.51378  0.179 6.94235  ? 10  LEU A H    1 
ATOM   174 H HA   A LEU A 1 9 ? -7.78446 -1.80553  0.32723  0.821 6.65174  ? 10  LEU A HA   1 
ATOM   175 H HA   B LEU A 1 9 ? -7.86598 -1.68069  0.13723  0.179 7.54131  ? 10  LEU A HA   1 
ATOM   176 H HB2  A LEU A 1 9 ? -5.61039 -3.16402  -0.89516 0.821 6.88718  ? 10  LEU A HB2  1 
ATOM   177 H HB2  B LEU A 1 9 ? -5.56953 -2.90763  -0.96350 0.179 7.48954  ? 10  LEU A HB2  1 
ATOM   178 H HB3  A LEU A 1 9 ? -7.14876 -3.47337  -1.14645 0.821 6.88718  ? 10  LEU A HB3  1 
ATOM   179 H HB3  B LEU A 1 9 ? -7.03090 -3.50591  -1.14209 0.179 7.48954  ? 10  LEU A HB3  1 
ATOM   180 H HG   A LEU A 1 9 ? -5.82612 -1.15211  -2.07237 0.821 7.62987  ? 10  LEU A HG   1 
ATOM   181 H HG   B LEU A 1 9 ? -6.18542 -1.04414  -2.22286 0.179 7.40508  ? 10  LEU A HG   1 
ATOM   182 H HD11 A LEU A 1 9 ? -6.11988 -2.11784  -4.21114 0.821 9.36764  ? 10  LEU A HD11 1 
ATOM   183 H HD11 B LEU A 1 9 ? -6.36632 -2.09403  -4.33543 0.179 7.40888  ? 10  LEU A HD11 1 
ATOM   184 H HD12 A LEU A 1 9 ? -5.21634 -3.05596  -3.30171 0.821 9.36764  ? 10  LEU A HD12 1 
ATOM   185 H HD12 B LEU A 1 9 ? -5.19578 -2.70215  -3.45025 0.179 7.40888  ? 10  LEU A HD12 1 
ATOM   186 H HD13 A LEU A 1 9 ? -6.74819 -3.40863  -3.53099 0.821 9.36764  ? 10  LEU A HD13 1 
ATOM   187 H HD13 B LEU A 1 9 ? -6.57449 -3.47939  -3.58648 0.179 7.40888  ? 10  LEU A HD13 1 
ATOM   188 H HD21 A LEU A 1 9 ? -7.79640 -0.61115  -3.19038 0.821 7.47633  ? 10  LEU A HD21 1 
ATOM   189 H HD21 B LEU A 1 9 ? -8.28085 -1.14466  -3.41830 0.179 7.16844  ? 10  LEU A HD21 1 
ATOM   190 H HD22 A LEU A 1 9 ? -8.53211 -1.80838  -2.44950 0.821 7.47633  ? 10  LEU A HD22 1 
ATOM   191 H HD22 B LEU A 1 9 ? -8.71518 -2.26581  -2.38009 0.179 7.16844  ? 10  LEU A HD22 1 
ATOM   192 H HD23 A LEU A 1 9 ? -7.99168 -0.56980  -1.61442 0.821 7.47633  ? 10  LEU A HD23 1 
ATOM   193 H HD23 B LEU A 1 9 ? -8.39942 -0.79365  -1.87356 0.179 7.16844  ? 10  LEU A HD23 1 
HETATM 194 C C11  A I77 B 2 . ? -5.18723 -5.62716  5.42611  0.838 6.55573  ? 101 I77 A C11  1 
HETATM 195 C C11  B I77 B 2 . ? -4.87138 -6.56374  4.91465  0.162 9.12377  ? 101 I77 A C11  1 
HETATM 196 C C12  A I77 B 2 . ? -6.19269 -4.70147  5.64003  0.838 5.53288  ? 101 I77 A C12  1 
HETATM 197 C C12  B I77 B 2 . ? -5.57142 -5.37948  4.95578  0.162 8.77463  ? 101 I77 A C12  1 
HETATM 198 C C13  A I77 B 2 . ? -6.74600 -3.81030  4.57423  0.838 5.56846  ? 101 I77 A C13  1 
HETATM 199 C C13  B I77 B 2 . ? -5.96673 -4.67569  3.66043  0.162 8.55462  ? 101 I77 A C13  1 
HETATM 200 C C17  A I77 B 2 . ? -6.69725 -4.55349  6.93329  0.838 5.45549  ? 101 I77 A C17  1 
HETATM 201 C C17  B I77 B 2 . ? -5.88091 -4.81562  6.19191  0.162 8.79250  ? 101 I77 A C17  1 
HETATM 202 C C18  A I77 B 2 . ? -6.22770 -5.32932  7.94354  0.838 5.15325  ? 101 I77 A C18  1 
HETATM 203 C C18  B I77 B 2 . ? -5.47916 -5.48140  7.32815  0.162 8.69485  ? 101 I77 A C18  1 
HETATM 204 C C02  A I77 B 2 . ? -3.16879 -9.48111  11.84878 0.838 5.64524  ? 101 I77 A C02  1 
HETATM 205 C C02  B I77 B 2 . ? -3.09023 -9.40691  11.95299 0.162 9.63097  ? 101 I77 A C02  1 
HETATM 206 C C03  A I77 B 2 . ? -3.80775 -8.61449  10.78814 0.838 5.44175  ? 101 I77 A C03  1 
HETATM 207 C C03  B I77 B 2 . ? -3.52720 -8.68976  10.66157 0.162 9.50132  ? 101 I77 A C03  1 
HETATM 208 C C04  A I77 B 2 . ? -3.29237 -8.74596  9.52071  0.838 6.41400  ? 101 I77 A C04  1 
HETATM 209 C C04  B I77 B 2 . ? -2.88131 -8.97781  9.46918  0.162 9.58214  ? 101 I77 A C04  1 
HETATM 210 C C05  A I77 B 2 . ? -3.78366 -7.98047  8.51689  0.838 6.17344  ? 101 I77 A C05  1 
HETATM 211 C C05  B I77 B 2 . ? -3.30345 -8.30698  8.33655  0.162 9.29998  ? 101 I77 A C05  1 
HETATM 212 C C06  A I77 B 2 . ? -4.82922 -7.69172  11.03321 0.838 6.44434  ? 101 I77 A C06  1 
HETATM 213 C C06  B I77 B 2 . ? -4.55235 -7.76172  10.69593 0.162 9.53206  ? 101 I77 A C06  1 
HETATM 214 C C08  A I77 B 2 . ? -4.78726 -7.08892  8.79530  0.838 5.71935  ? 101 I77 A C08  1 
HETATM 215 C C08  B I77 B 2 . ? -4.33708 -7.39454  8.43758  0.162 9.02924  ? 101 I77 A C08  1 
HETATM 216 C C09  A I77 B 2 . ? -5.27414 -6.25952  7.66441  0.838 5.33780  ? 101 I77 A C09  1 
HETATM 217 C C09  B I77 B 2 . ? -4.78021 -6.67088  7.19628  0.162 8.90286  ? 101 I77 A C09  1 
HETATM 218 N N01  A I77 B 2 . ? -3.61279 -9.24589  13.16174 0.838 6.30116  ? 101 I77 A N01  1 
HETATM 219 N N01  B I77 B 2 . ? -3.83512 -9.20273  13.18814 0.162 9.92044  ? 101 I77 A N01  1 
HETATM 220 N N07  A I77 B 2 . ? -5.29514 -6.96396  10.02299 0.838 6.55160  ? 101 I77 A N07  1 
HETATM 221 N N07  B I77 B 2 . ? -4.92113 -7.14552  9.59041  0.162 9.44833  ? 101 I77 A N07  1 
HETATM 222 N N10  A I77 B 2 . ? -4.76132 -6.38117  6.42917  0.838 6.98328  ? 101 I77 A N10  1 
HETATM 223 N N10  B I77 B 2 . ? -4.49244 -7.17457  6.01147  0.162 9.37578  ? 101 I77 A N10  1 
HETATM 224 N N14  A I77 B 2 . ? -5.75017 -3.36905  3.65133  0.838 5.18139  ? 101 I77 A N14  1 
HETATM 225 N N14  B I77 B 2 . ? -6.21342 -3.23189  3.78305  0.162 7.10064  ? 101 I77 A N14  1 
HETATM 226 N N15  A I77 B 2 . ? -6.08516 -2.52070  2.62545  0.838 5.25368  ? 101 I77 A N15  1 
HETATM 227 N N15  B I77 B 2 . ? -6.56544 -2.43157  2.66864  0.162 6.10912  ? 101 I77 A N15  1 
HETATM 228 O O16  A I77 B 2 . ? -7.91121 -3.50894  4.49060  0.838 7.28816  ? 101 I77 A O16  1 
HETATM 229 O O16  B I77 B 2 . ? -6.01469 -5.25815  2.62168  0.162 9.42780  ? 101 I77 A O16  1 
HETATM 230 O O19  A I77 B 2 . ? -2.30104 -10.26903 11.60913 0.838 6.24770  ? 101 I77 A O19  1 
HETATM 231 O O19  B I77 B 2 . ? -2.14504 -10.11542 11.93020 0.162 9.71289  ? 101 I77 A O19  1 
HETATM 232 H H111 A I77 B 2 . ? -4.75089 -5.73503  4.44519  0.838 7.87306  ? 101 I77 A H111 1 
HETATM 233 H H111 B I77 B 2 . ? -4.62872 -6.99972  3.95795  0.162 10.95471 ? 101 I77 A H111 1 
HETATM 234 H H171 A I77 B 2 . ? -7.47114 -3.81223  7.13263  0.838 6.55277  ? 101 I77 A H171 1 
HETATM 235 H H171 B I77 B 2 . ? -6.42578 -3.87385  6.25748  0.162 10.55719 ? 101 I77 A H171 1 
HETATM 236 H H181 A I77 B 2 . ? -6.60620 -5.20991  8.95657  0.838 6.19009  ? 101 I77 A H181 1 
HETATM 237 H H181 B I77 B 2 . ? -5.70667 -5.08031  8.31360  0.162 10.44001 ? 101 I77 A H181 1 
HETATM 238 H H041 A I77 B 2 . ? -2.50543 -9.45089  9.32763  0.838 7.70299  ? 101 I77 A H041 1 
HETATM 239 H H041 B I77 B 2 . ? -2.08308 -9.69511  9.42707  0.162 11.50475 ? 101 I77 A H041 1 
HETATM 240 H H051 A I77 B 2 . ? -3.39059 -8.07104  7.51181  0.838 7.41432  ? 101 I77 A H051 1 
HETATM 241 H H051 B I77 B 2 . ? -2.82984 -8.49402  7.38072  0.162 11.16617 ? 101 I77 A H051 1 
HETATM 242 H H061 A I77 B 2 . ? -5.23373 -7.57196  12.02850 0.838 7.73941  ? 101 I77 A H061 1 
HETATM 243 H H061 B I77 B 2 . ? -5.05115 -7.54174  11.62940 0.162 11.44467 ? 101 I77 A H061 1 
HETATM 244 H H011 A I77 B 2 . ? -4.32411 -8.57065  13.33698 0.838 7.56758  ? 101 I77 A H011 1 
HETATM 245 H H011 B I77 B 2 . ? -4.63014 -8.60001  13.20009 0.162 11.91072 ? 101 I77 A H011 1 
HETATM 246 H H012 A I77 B 2 . ? -3.22618 -9.78051  13.92409 0.838 7.56758  ? 101 I77 A H012 1 
HETATM 247 H H012 B I77 B 2 . ? -3.54682 -9.67115  14.03189 0.162 11.91072 ? 101 I77 A H012 1 
HETATM 248 H H141 A I77 B 2 . ? -4.79915 -3.68092  3.75300  0.838 6.22386  ? 101 I77 A H141 1 
HETATM 249 H H141 B I77 B 2 . ? -6.12966 -2.79819  4.68689  0.162 8.52695  ? 101 I77 A H141 1 
HETATM 250 H H1   A I77 B 2 . ? -5.26385 -1.99356  2.39657  0.838 6.31060  ? 101 I77 A H1   1 
HETATM 251 H H1   B I77 B 2 . ? -7.32783 -1.81635  2.90916  0.162 7.33713  ? 101 I77 A H1   1 
HETATM 252 C C05  A I6W C 3 . ? 9.48065  -3.00630  2.02541  0.716 5.23664  ? 102 I6W A C05  1 
HETATM 253 C C05  B I6W C 3 . ? 9.89947  -2.89171  0.84639  0.284 12.81743 ? 102 I6W A C05  1 
HETATM 254 C C08  A I6W C 3 . ? 9.12412  -3.08980  3.34092  0.716 5.84356  ? 102 I6W A C08  1 
HETATM 255 C C08  B I6W C 3 . ? 9.72042  -3.07331  2.18288  0.284 13.89077 ? 102 I6W A C08  1 
HETATM 256 C C09  A I6W C 3 . ? 9.78613  -4.11070  4.21916  0.716 6.29336  ? 102 I6W A C09  1 
HETATM 257 C C09  B I6W C 3 . ? 10.52346 -4.15076  2.89296  0.284 15.93915 ? 102 I6W A C09  1 
HETATM 258 N N10  A I6W C 3 . ? 10.69468 -4.92054  3.71958  0.716 5.80267  ? 102 I6W A N10  1 
HETATM 259 N N10  B I6W C 3 . ? 11.40055 -4.82830  2.20210  0.284 16.77398 ? 102 I6W A N10  1 
HETATM 260 C C02  A I6W C 3 . ? 7.07180  -0.29785  0.95719  0.716 5.50872  ? 102 I6W A C02  1 
HETATM 261 C C02  B I6W C 3 . ? 7.36936  -0.10095  0.30955  0.284 10.22875 ? 102 I6W A C02  1 
HETATM 262 C C03  A I6W C 3 . ? 7.86980  -1.30526  1.74868  0.716 5.69769  ? 102 I6W A C03  1 
HETATM 263 C C03  B I6W C 3 . ? 8.25109  -1.17907  0.93712  0.284 11.54050 ? 102 I6W A C03  1 
HETATM 264 C C04  A I6W C 3 . ? 8.85799  -2.09141  1.21023  0.716 5.27723  ? 102 I6W A C04  1 
HETATM 265 C C04  B I6W C 3 . ? 9.14699  -1.91216  0.17968  0.284 12.02658 ? 102 I6W A C04  1 
HETATM 266 C C06  A I6W C 3 . ? 7.54864  -1.43978  3.08203  0.716 6.69527  ? 102 I6W A C06  1 
HETATM 267 C C06  B I6W C 3 . ? 8.11074  -1.41498  2.28197  0.284 12.46469 ? 102 I6W A C06  1 
HETATM 268 C C11  A I6W C 3 . ? 11.26710 -5.84184  4.47976  0.716 5.70978  ? 102 I6W A C11  1 
HETATM 269 C C11  B I6W C 3 . ? 12.12458 -5.78173  2.73248  0.284 17.69907 ? 102 I6W A C11  1 
HETATM 270 C C12  A I6W C 3 . ? 10.88800 -5.98705  5.80244  0.716 6.00479  ? 102 I6W A C12  1 
HETATM 271 C C12  B I6W C 3 . ? 11.96776 -6.10881  4.06177  0.284 18.33248 ? 102 I6W A C12  1 
HETATM 272 C C13  A I6W C 3 . ? 11.49623 -7.04007  6.72094  0.716 6.59079  ? 102 I6W A C13  1 
HETATM 273 C C13  B I6W C 3 . ? 12.82999 -7.24532  4.67551  0.284 19.79065 ? 102 I6W A C13  1 
HETATM 274 C C15  A I6W C 3 . ? 13.11754 -8.74943  6.86780  0.716 6.75058  ? 102 I6W A C15  1 
HETATM 275 C C15  B I6W C 3 . ? 13.44392 -8.68671  6.40322  0.284 21.73273 ? 102 I6W A C15  1 
HETATM 276 C C16  A I6W C 3 . ? 14.27107 -9.30292  5.99320  0.716 7.20053  ? 102 I6W A C16  1 
HETATM 277 C C16  B I6W C 3 . ? 12.99408 -9.06848  7.82225  0.284 22.24213 ? 102 I6W A C16  1 
HETATM 278 C C18  A I6W C 3 . ? 9.93169  -5.17684  6.32747  0.716 7.34544  ? 102 I6W A C18  1 
HETATM 279 C C18  B I6W C 3 . ? 11.04642 -5.43774  4.82793  0.284 17.66642 ? 102 I6W A C18  1 
HETATM 280 C C19  A I6W C 3 . ? 9.36192  -4.21719  5.51621  0.716 7.28163  ? 102 I6W A C19  1 
HETATM 281 C C19  B I6W C 3 . ? 10.29699 -4.42818  4.22155  0.284 16.94695 ? 102 I6W A C19  1 
HETATM 282 N N07  A I6W C 3 . ? 8.17715  -2.32232  3.84977  0.716 6.77153  ? 102 I6W A N07  1 
HETATM 283 N N07  B I6W C 3 . ? 8.84115  -2.34808  2.86410  0.284 13.16106 ? 102 I6W A N07  1 
HETATM 284 O O01  A I6W C 3 . ? 5.96054  0.01178   1.30211  0.716 6.22886  ? 102 I6W A O01  1 
HETATM 285 O O01  B I6W C 3 . ? 6.27203  -0.00743  0.79138  0.284 10.51968 ? 102 I6W A O01  1 
HETATM 286 O O14  A I6W C 3 . ? 12.53523 -7.70360  6.08822  0.716 6.07784  ? 102 I6W A O14  1 
HETATM 287 O O14  B I6W C 3 . ? 12.42253 -7.82936  5.89391  0.284 20.84987 ? 102 I6W A O14  1 
HETATM 288 O O17  A I6W C 3 . ? 11.13857 -7.28703  7.81788  0.716 8.27124  ? 102 I6W A O17  1 
HETATM 289 O O17  B I6W C 3 . ? 13.80000 -7.62843  4.13990  0.284 20.13435 ? 102 I6W A O17  1 
HETATM 290 H H051 A I6W C 3 . ? 10.23866 -3.64805  1.63270  0.716 6.29016  ? 102 I6W A H051 1 
HETATM 291 H H051 B I6W C 3 . ? 10.60504 -3.48823  0.31069  0.284 15.38711 ? 102 I6W A H051 1 
HETATM 292 H H041 A I6W C 3 . ? 9.14911  -1.98936  0.13355  0.716 6.33887  ? 102 I6W A H041 1 
HETATM 293 H H041 B I6W C 3 . ? 9.26637  -1.73119  -0.91914 0.284 14.43809 ? 102 I6W A H041 1 
HETATM 294 H H061 A I6W C 3 . ? 6.77052  -0.81502  3.51052  0.716 8.04051  ? 102 I6W A H061 1 
HETATM 295 H H061 B I6W C 3 . ? 7.40095  -0.83562  2.86500  0.284 14.96382 ? 102 I6W A H061 1 
HETATM 296 H H111 A I6W C 3 . ? 12.02165 -6.47300  4.07170  0.716 6.85793  ? 102 I6W A H111 1 
HETATM 297 H H111 B I6W C 3 . ? 12.83521 -6.30484  2.13618  0.284 21.24507 ? 102 I6W A H111 1 
HETATM 298 H H152 A I6W C 3 . ? 13.50235 -8.35856  7.80163  0.716 8.10689  ? 102 I6W A H152 1 
HETATM 299 H H152 B I6W C 3 . ? 13.53587 -9.57182  5.78596  0.284 26.08547 ? 102 I6W A H152 1 
HETATM 300 H H151 A I6W C 3 . ? 12.38834 -9.52420  7.07003  0.716 8.10689  ? 102 I6W A H151 1 
HETATM 301 H H151 B I6W C 3 . ? 14.39251 -8.16516  6.43595  0.284 26.08547 ? 102 I6W A H151 1 
HETATM 302 H H162 A I6W C 3 . ? 13.85423 -9.73344  5.06361  0.716 8.64683  ? 102 I6W A H162 1 
HETATM 303 H H162 B I6W C 3 . ? 13.51413 -8.42731  8.55825  0.284 26.69675 ? 102 I6W A H162 1 
HETATM 304 H H163 A I6W C 3 . ? 14.81334 -10.08778 6.55283  0.716 8.64683  ? 102 I6W A H163 1 
HETATM 305 H H163 B I6W C 3 . ? 13.24348 -10.12866 8.01474  0.284 26.69675 ? 102 I6W A H163 1 
HETATM 306 H H161 A I6W C 3 . ? 14.96756 -8.48194  5.73997  0.716 8.64683  ? 102 I6W A H161 1 
HETATM 307 H H161 B I6W C 3 . ? 11.90138 -8.92378  7.91343  0.284 26.69675 ? 102 I6W A H161 1 
HETATM 308 H H181 A I6W C 3 . ? 9.62072  -5.28193  7.36687  0.716 8.82072  ? 102 I6W A H181 1 
HETATM 309 H H181 B I6W C 3 . ? 10.90362 -5.68561  5.87972  0.284 21.20590 ? 102 I6W A H181 1 
HETATM 310 H H191 A I6W C 3 . ? 8.58826  -3.55611  5.90116  0.716 8.74414  ? 102 I6W A H191 1 
HETATM 311 H H191 B I6W C 3 . ? 9.55088  -3.87340  4.78659  0.284 20.34254 ? 102 I6W A H191 1 
HETATM 312 C C    . MBN D 4 . ? -1.10375 -6.66316  -1.37711 1.000 17.67354 ? 103 MBN A C    1 
HETATM 313 C C1   . MBN D 4 . ? -0.73067 -5.83945  -2.57260 1.000 15.91625 ? 103 MBN A C1   1 
HETATM 314 C C2   . MBN D 4 . ? -1.59265 -4.88588  -3.08825 1.000 16.00090 ? 103 MBN A C2   1 
HETATM 315 C C3   . MBN D 4 . ? -1.24868 -4.11493  -4.18553 1.000 16.48489 ? 103 MBN A C3   1 
HETATM 316 C C4   . MBN D 4 . ? -0.01914 -4.28145  -4.78364 1.000 16.51568 ? 103 MBN A C4   1 
HETATM 317 C C5   . MBN D 4 . ? 0.85665  -5.23506  -4.27875 1.000 16.63556 ? 103 MBN A C5   1 
HETATM 318 C C6   . MBN D 4 . ? 0.49677  -6.01027  -3.18710 1.000 16.72312 ? 103 MBN A C6   1 
HETATM 319 H H1   . MBN D 4 . ? -1.93078 -7.14871  -1.52262 1.000 21.21444 ? 103 MBN A H1   1 
HETATM 320 H H2A  . MBN D 4 . ? -0.41876 -7.31693  -1.16666 1.000 21.21444 ? 103 MBN A H2A  1 
HETATM 321 H H3A  . MBN D 4 . ? -1.22798 -6.11175  -0.58880 1.000 21.21444 ? 103 MBN A H3A  1 
HETATM 322 H H2   . MBN D 4 . ? -2.42227 -4.76143  -2.68680 1.000 19.20727 ? 103 MBN A H2   1 
HETATM 323 H H3   . MBN D 4 . ? -1.84818 -3.48593  -4.51701 1.000 19.78806 ? 103 MBN A H3   1 
HETATM 324 H H4   . MBN D 4 . ? 0.22172  -3.76191  -5.51641 1.000 19.82501 ? 103 MBN A H4   1 
HETATM 325 H H5   . MBN D 4 . ? 1.68983  -5.35583  -4.67388 1.000 19.96887 ? 103 MBN A H5   1 
HETATM 326 H H6   . MBN D 4 . ? 1.08644  -6.65256  -2.86357 1.000 20.07394 ? 103 MBN A H6   1 
HETATM 327 C C    A MBN E 4 . ? -3.19270 -1.28388  -6.73663 0.516 9.51390  ? 104 MBN A C    1 
HETATM 328 C C    B MBN E 4 . ? -5.74425 1.50693   -4.49247 0.484 8.57161  ? 104 MBN A C    1 
HETATM 329 C C1   A MBN E 4 . ? -3.90630 -0.31121  -5.84067 0.516 8.57438  ? 104 MBN A C1   1 
HETATM 330 C C1   B MBN E 4 . ? -4.61633 0.65887   -4.99522 0.484 8.27488  ? 104 MBN A C1   1 
HETATM 331 C C2   A MBN E 4 . ? -3.40952 0.00913   -4.58322 0.516 8.55396  ? 104 MBN A C2   1 
HETATM 332 C C2   B MBN E 4 . ? -4.66625 0.08265   -6.26059 0.484 9.05241  ? 104 MBN A C2   1 
HETATM 333 C C3   A MBN E 4 . ? -4.06279 0.90090   -3.75106 0.516 8.18598  ? 104 MBN A C3   1 
HETATM 334 C C3   B MBN E 4 . ? -3.62341 -0.70945  -6.72272 0.484 9.60669  ? 104 MBN A C3   1 
HETATM 335 C C4   A MBN E 4 . ? -5.23424 1.50221   -4.16785 0.516 7.73113  ? 104 MBN A C4   1 
HETATM 336 C C4   B MBN E 4 . ? -2.50272 -0.93482  -5.92539 0.484 9.39616  ? 104 MBN A C4   1 
HETATM 337 C C5   A MBN E 4 . ? -5.74096 1.20456   -5.42080 0.516 7.61850  ? 104 MBN A C5   1 
HETATM 338 C C5   B MBN E 4 . ? -2.43893 -0.35923  -4.66471 0.484 8.89378  ? 104 MBN A C5   1 
HETATM 339 C C6   A MBN E 4 . ? -5.08184 0.30821   -6.24438 0.516 8.25092  ? 104 MBN A C6   1 
HETATM 340 C C6   B MBN E 4 . ? -3.48740 0.43535   -4.21638 0.484 8.33368  ? 104 MBN A C6   1 
HETATM 341 H H1   A MBN E 4 . ? -3.80489 -1.71759  -7.35147 0.516 11.42288 ? 104 MBN A H1   1 
HETATM 342 H H1   B MBN E 4 . ? -5.74426 1.56276   -3.52407 0.484 10.29212 ? 104 MBN A H1   1 
HETATM 343 H H2A  A MBN E 4 . ? -2.51188 -0.84430  -7.26969 0.516 11.42288 ? 104 MBN A H2A  1 
HETATM 344 H H2A  B MBN E 4 . ? -5.68846 2.41327   -4.83354 0.484 10.29212 ? 104 MBN A H2A  1 
HETATM 345 H H3A  A MBN E 4 . ? -2.75330 -1.98223  -6.22662 0.516 11.42288 ? 104 MBN A H3A  1 
HETATM 346 H H3A  B MBN E 4 . ? -6.60553 1.15039   -4.76074 0.484 10.29212 ? 104 MBN A H3A  1 
HETATM 347 H H2   A MBN E 4 . ? -2.61857 -0.38618  -4.29504 0.516 10.27094 ? 104 MBN A H2   1 
HETATM 348 H H2   B MBN E 4 . ? -5.40746 0.23050   -6.80249 0.484 10.86908 ? 104 MBN A H2   1 
HETATM 349 H H3   A MBN E 4 . ? -3.71180 1.09415   -2.91180 0.516 9.82936  ? 104 MBN A H3   1 
HETATM 350 H H3   B MBN E 4 . ? -3.67481 -1.09092  -7.56932 0.484 11.53421 ? 104 MBN A H3   1 
HETATM 351 H H4   A MBN E 4 . ? -5.67793 2.10120   -3.61174 0.516 9.28354  ? 104 MBN A H4   1 
HETATM 352 H H4   B MBN E 4 . ? -1.80495 -1.46568  -6.23556 0.484 11.28158 ? 104 MBN A H4   1 
HETATM 353 H H5   A MBN E 4 . ? -6.52695 1.60689   -5.71276 0.516 9.14840  ? 104 MBN A H5   1 
HETATM 354 H H5   B MBN E 4 . ? -1.69887 -0.50298  -4.12014 0.484 10.67873 ? 104 MBN A H5   1 
HETATM 355 H H6   A MBN E 4 . ? -5.43208 0.11646   -7.08430 0.516 9.90730  ? 104 MBN A H6   1 
HETATM 356 H H6   B MBN E 4 . ? -3.43313 0.82745   -3.37483 0.484 10.00661 ? 104 MBN A H6   1 
HETATM 357 C C    A MBN F 4 . ? 0.66173  -2.12186  5.11482  0.629 16.65972 ? 105 MBN A C    1 
HETATM 358 C C    B MBN F 4 . ? 3.09145  -5.12134  10.45493 0.215 19.02639 ? 105 MBN A C    1 
HETATM 359 C C    C MBN F 4 . ? 4.88343  -1.76794  11.12653 0.156 11.16647 ? 105 MBN A C    1 
HETATM 360 C C1   A MBN F 4 . ? 1.25524  -1.27925  6.19031  0.629 16.60687 ? 105 MBN A C1   1 
HETATM 361 C C1   B MBN F 4 . ? 4.29876  -4.23055  10.50553 0.215 19.08900 ? 105 MBN A C1   1 
HETATM 362 C C1   C MBN F 4 . ? 4.49566  -3.20256  10.93816 0.156 11.20902 ? 105 MBN A C1   1 
HETATM 363 C C2   A MBN F 4 . ? 1.78215  -1.86173  7.33358  0.629 16.96915 ? 105 MBN A C2   1 
HETATM 364 C C2   B MBN F 4 . ? 5.50419  -4.67906  11.03971 0.215 19.01328 ? 105 MBN A C2   1 
HETATM 365 C C2   C MBN F 4 . ? 3.16717  -3.55600  10.71972 0.156 11.18282 ? 105 MBN A C2   1 
HETATM 366 C C3   A MBN F 4 . ? 2.32515  -1.07778  8.32817  0.629 17.23575 ? 105 MBN A C3   1 
HETATM 367 C C3   B MBN F 4 . ? 6.61847  -3.85328  11.08234 0.215 19.08741 ? 105 MBN A C3   1 
HETATM 368 C C3   C MBN F 4 . ? 2.80291  -4.88190  10.53378 0.156 11.27013 ? 105 MBN A C3   1 
HETATM 369 C C4   A MBN F 4 . ? 2.32515  0.30166   8.21535  0.629 17.22054 ? 105 MBN A C4   1 
HETATM 370 C C4   B MBN F 4 . ? 6.55041  -2.55919  10.58283 0.215 19.36504 ? 105 MBN A C4   1 
HETATM 371 C C4   C MBN F 4 . ? 3.76598  -5.88119  10.57569 0.156 11.31401 ? 105 MBN A C4   1 
HETATM 372 C C5   A MBN F 4 . ? 1.78906  0.89481   7.08597  0.629 17.09982 ? 105 MBN A C5   1 
HETATM 373 C C5   B MBN F 4 . ? 5.36068  -2.10183  10.04415 0.215 19.47211 ? 105 MBN A C5   1 
HETATM 374 C C5   C MBN F 4 . ? 5.09354  -5.54063  10.79773 0.156 11.23841 ? 105 MBN A C5   1 
HETATM 375 C C6   A MBN F 4 . ? 1.27343  0.10175   6.07801  0.629 16.74640 ? 105 MBN A C6   1 
HETATM 376 C C6   B MBN F 4 . ? 4.24884  -2.93499  10.00292 0.215 19.33434 ? 105 MBN A C6   1 
HETATM 377 C C6   C MBN F 4 . ? 5.45210  -4.21298  10.97899 0.156 11.09216 ? 105 MBN A C6   1 
HETATM 378 H H1   A MBN F 4 . ? 0.68663  -3.06379  5.34513  0.629 19.99786 ? 105 MBN A H1   1 
HETATM 379 H H1   B MBN F 4 . ? 2.32255  -4.70400  10.87389 0.215 22.83786 ? 105 MBN A H1   1 
HETATM 380 H H1   C MBN F 4 . ? 5.71643  -1.68508  11.61657 0.156 13.40595 ? 105 MBN A H1   1 
HETATM 381 H H2A  A MBN F 4 . ? -0.26563 -1.88957  4.95067  0.629 19.99786 ? 105 MBN A H2A  1 
HETATM 382 H H2A  B MBN F 4 . ? 2.84261  -5.33318  9.54164  0.215 22.83786 ? 105 MBN A H2A  1 
HETATM 383 H H2A  C MBN F 4 . ? 5.00282  -1.31623  10.27646 0.156 13.40595 ? 105 MBN A H2A  1 
HETATM 384 H H3A  A MBN F 4 . ? 1.13794  -2.01738  4.27625  0.629 19.99786 ? 105 MBN A H3A  1 
HETATM 385 H H3A  B MBN F 4 . ? 3.24883  -5.96164  10.91321 0.215 22.83786 ? 105 MBN A H3A  1 
HETATM 386 H H3A  C MBN F 4 . ? 4.20798  -1.27794  11.62107 0.156 13.40595 ? 105 MBN A H3A  1 
HETATM 387 H H2   A MBN F 4 . ? 1.76827  -2.78679  7.42815  0.629 20.36917 ? 105 MBN A H2   1 
HETATM 388 H H2   B MBN F 4 . ? 5.56190  -5.54551  11.37262 0.215 22.82213 ? 105 MBN A H2   1 
HETATM 389 H H2   C MBN F 4 . ? 2.51533  -2.89302  10.69831 0.156 13.42557 ? 105 MBN A H2   1 
HETATM 390 H H3   A MBN F 4 . ? 2.69425  -1.48056  9.08079  0.629 20.68910 ? 105 MBN A H3   1 
HETATM 391 H H3   B MBN F 4 . ? 7.41335  -4.16932  11.44726 0.215 22.91109 ? 105 MBN A H3   1 
HETATM 392 H H3   C MBN F 4 . ? 1.91181  -5.09982  10.38095 0.156 13.53034 ? 105 MBN A H3   1 
HETATM 393 H H4   A MBN F 4 . ? 2.68329  0.82638   8.89454  0.629 20.67084 ? 105 MBN A H4   1 
HETATM 394 H H4   B MBN F 4 . ? 7.29726  -2.00569  10.61026 0.215 23.24423 ? 105 MBN A H4   1 
HETATM 395 H H4   C MBN F 4 . ? 3.52355  -6.77102  10.45600 0.156 13.58300 ? 105 MBN A H4   1 
HETATM 396 H H5   A MBN F 4 . ? 1.77462  1.82101   7.00326  0.629 20.52598 ? 105 MBN A H5   1 
HETATM 397 H H5   B MBN F 4 . ? 5.30244  -1.23639  9.70870  0.215 23.37273 ? 105 MBN A H5   1 
HETATM 398 H H5   C MBN F 4 . ? 5.74605  -6.20273  10.82544 0.156 13.49228 ? 105 MBN A H5   1 
HETATM 399 H H6   A MBN F 4 . ? 0.93244  0.50113   5.31046  0.629 20.10187 ? 105 MBN A H6   1 
HETATM 400 H H6   B MBN F 4 . ? 3.45584  -2.62091  9.63225  0.215 23.20740 ? 105 MBN A H6   1 
HETATM 401 H H6   C MBN F 4 . ? 6.34325  -3.99393  11.12990 0.156 13.31679 ? 105 MBN A H6   1 
HETATM 402 C C    A MBN G 4 . ? -1.14366 -3.99873  3.48214  0.584 37.84829 ? 106 MBN A C    1 
HETATM 403 C C    B MBN G 4 . ? -3.39150 -8.71921  2.00067  0.416 11.75149 ? 106 MBN A C    1 
HETATM 404 C C1   A MBN G 4 . ? -1.96275 -5.18481  3.07421  0.584 37.88257 ? 106 MBN A C1   1 
HETATM 405 C C1   B MBN G 4 . ? -3.00405 -7.33263  2.44268  0.416 11.06372 ? 106 MBN A C1   1 
HETATM 406 C C2   A MBN G 4 . ? -1.78659 -6.42555  3.69091  0.584 37.99689 ? 106 MBN A C2   1 
HETATM 407 C C2   B MBN G 4 . ? -3.48729 -6.18902  1.80676  0.416 9.89515  ? 106 MBN A C2   1 
HETATM 408 C C3   A MBN G 4 . ? -2.54914 -7.52421  3.31475  0.584 38.00082 ? 106 MBN A C3   1 
HETATM 409 C C3   B MBN G 4 . ? -3.10800 -4.93070  2.23428  0.416 9.05113  ? 106 MBN A C3   1 
HETATM 410 C C4   A MBN G 4 . ? -3.50159 -7.39546  2.31197  0.584 37.96374 ? 106 MBN A C4   1 
HETATM 411 C C4   B MBN G 4 . ? -2.24586 -4.77923  3.30278  0.416 9.88257  ? 106 MBN A C4   1 
HETATM 412 C C5   A MBN G 4 . ? -3.68363 -6.16483  1.69383  0.584 37.88822 ? 106 MBN A C5   1 
HETATM 413 C C5   B MBN G 4 . ? -1.77019 -5.90108  3.96222  0.416 11.03591 ? 106 MBN A C5   1 
HETATM 414 C C6   A MBN G 4 . ? -2.92087 -5.07000  2.07301  0.584 37.81214 ? 106 MBN A C6   1 
HETATM 415 C C6   B MBN G 4 . ? -2.14720 -7.16500  3.53095  0.416 11.45664 ? 106 MBN A C6   1 
HETATM 416 H H1   A MBN G 4 . ? -1.35796 -3.21706  2.94926  0.584 45.42414 ? 106 MBN A H1   1 
HETATM 417 H H1   B MBN G 4 . ? -3.95864 -8.69731  1.21405  0.416 14.10798 ? 106 MBN A H1   1 
HETATM 418 H H2A  A MBN G 4 . ? -1.29378 -3.76425  4.41133  0.584 45.42414 ? 106 MBN A H2A  1 
HETATM 419 H H2A  B MBN G 4 . ? -2.61277 -9.25377  1.77992  0.416 14.10798 ? 106 MBN A H2A  1 
HETATM 420 H H3A  A MBN G 4 . ? -0.19430 -4.16784  3.37717  0.584 45.42414 ? 106 MBN A H3A  1 
HETATM 421 H H3A  B MBN G 4 . ? -3.87833 -9.19154  2.69408  0.416 14.10798 ? 106 MBN A H3A  1 
HETATM 422 H H2   A MBN G 4 . ? -1.14969 -6.51617  4.36251  0.584 45.60246 ? 106 MBN A H2   1 
HETATM 423 H H2   B MBN G 4 . ? -4.07074 -6.27556  1.08772  0.416 11.88037 ? 106 MBN A H2   1 
HETATM 424 H H3   A MBN G 4 . ? -2.42074 -8.34394  3.73481  0.584 45.60718 ? 106 MBN A H3   1 
HETATM 425 H H3   B MBN G 4 . ? -3.43767 -4.17914  1.79682  0.416 10.86755 ? 106 MBN A H3   1 
HETATM 426 H H4   A MBN G 4 . ? -4.01382 -8.12838  2.05634  0.584 45.56268 ? 106 MBN A H4   1 
HETATM 427 H H4   B MBN G 4 . ? -1.98648 -3.92946  3.57757  0.416 11.86527 ? 106 MBN A H4   1 
HETATM 428 H H5   A MBN G 4 . ? -4.31977 -6.07193  1.02183  0.584 45.47205 ? 106 MBN A H5   1 
HETATM 429 H H5   B MBN G 4 . ? -1.20024 -5.80994  4.69144  0.416 13.24929 ? 106 MBN A H5   1 
HETATM 430 H H6   A MBN G 4 . ? -3.05087 -4.25007  1.65381  0.584 45.38076 ? 106 MBN A H6   1 
HETATM 431 H H6   B MBN G 4 . ? -1.82318 -7.91515  3.97500  0.416 13.75416 ? 106 MBN A H6   1 
# 
loop_
_atom_site_anisotrop.id 
_atom_site_anisotrop.type_symbol 
_atom_site_anisotrop.pdbx_label_atom_id 
_atom_site_anisotrop.pdbx_label_alt_id 
_atom_site_anisotrop.pdbx_label_comp_id 
_atom_site_anisotrop.pdbx_label_asym_id 
_atom_site_anisotrop.pdbx_label_seq_id 
_atom_site_anisotrop.pdbx_PDB_ins_code 
_atom_site_anisotrop.U[1][1] 
_atom_site_anisotrop.U[2][2] 
_atom_site_anisotrop.U[3][3] 
_atom_site_anisotrop.U[1][2] 
_atom_site_anisotrop.U[1][3] 
_atom_site_anisotrop.U[2][3] 
_atom_site_anisotrop.pdbx_auth_seq_id 
_atom_site_anisotrop.pdbx_auth_comp_id 
_atom_site_anisotrop.pdbx_auth_asym_id 
_atom_site_anisotrop.pdbx_auth_atom_id 
1   N N   A LEU A 1 ? 0.07936 0.07474 0.06431 0.02013  -0.01851 0.01259  2   LEU A N   
2   N N   B LEU A 1 ? 0.12542 0.11569 0.11062 -0.02155 -0.04783 0.01798  2   LEU A N   
3   C CA  A LEU A 1 ? 0.07457 0.05807 0.06153 0.01363  -0.01299 0.01202  2   LEU A CA  
4   C CA  B LEU A 1 ? 0.11363 0.09590 0.10704 -0.00582 -0.03127 0.01889  2   LEU A CA  
5   C C   A LEU A 1 ? 0.08463 0.05537 0.05208 0.02502  -0.00113 0.01765  2   LEU A C   
6   C C   B LEU A 1 ? 0.09873 0.07997 0.08357 0.01038  -0.02098 0.01370  2   LEU A C   
7   O O   A LEU A 1 ? 0.07297 0.07202 0.04920 0.02735  -0.00260 0.02447  2   LEU A O   
8   O O   B LEU A 1 ? 0.09371 0.07955 0.08285 0.01157  -0.01986 0.00946  2   LEU A O   
9   C CB  A LEU A 1 ? 0.07368 0.06913 0.06546 0.00802  -0.00423 0.01362  2   LEU A CB  
10  C CB  B LEU A 1 ? 0.11944 0.09662 0.12141 -0.00295 -0.02758 0.02444  2   LEU A CB  
11  C CG  A LEU A 1 ? 0.07637 0.07765 0.06703 0.00089  -0.01200 0.02132  2   LEU A CG  
12  C CG  B LEU A 1 ? 0.12160 0.09150 0.12449 -0.00249 -0.02212 0.02403  2   LEU A CG  
13  C CD1 A LEU A 1 ? 0.08427 0.09346 0.08029 0.01160  -0.01156 0.03944  2   LEU A CD1 
14  C CD1 B LEU A 1 ? 0.12436 0.08949 0.12729 -0.00278 -0.02180 0.02488  2   LEU A CD1 
15  C CD2 A LEU A 1 ? 0.09132 0.09639 0.07223 0.01317  -0.01493 0.03183  2   LEU A CD2 
16  C CD2 B LEU A 1 ? 0.12146 0.09329 0.12295 -0.00218 -0.01966 0.02385  2   LEU A CD2 
39  N N   . AIB A 2 ? 0.07655 0.07183 0.06377 0.02349  -0.00885 0.01948  3   AIB A N   
40  C CA  . AIB A 2 ? 0.07053 0.07064 0.05470 0.01985  -0.00409 0.01085  3   AIB A CA  
41  C C   . AIB A 2 ? 0.06820 0.07351 0.06227 0.01964  -0.00313 0.02671  3   AIB A C   
42  O O   . AIB A 2 ? 0.07507 0.08310 0.05823 0.01787  -0.00324 0.01403  3   AIB A O   
43  C CB1 . AIB A 2 ? 0.08334 0.09923 0.05809 0.02953  -0.00431 0.01892  3   AIB A CB1 
44  C CB2 . AIB A 2 ? 0.07866 0.07818 0.06847 0.01968  -0.00806 0.00723  3   AIB A CB2 
52  N N   . ALA A 3 ? 0.08986 0.07919 0.05825 0.02801  -0.00502 0.02996  4   ALA A N   
53  C CA  . ALA A 3 ? 0.10559 0.08317 0.05667 0.02635  0.00563  0.03301  4   ALA A CA  
54  C C   . ALA A 3 ? 0.09589 0.08796 0.04793 0.03062  -0.00099 0.02563  4   ALA A C   
55  O O   . ALA A 3 ? 0.10930 0.09383 0.05349 0.02461  0.00240  0.03306  4   ALA A O   
56  C CB  . ALA A 3 ? 0.13083 0.09721 0.07378 0.03156  -0.00129 0.04023  4   ALA A CB  
62  N N   . AIB A 4 ? 0.09257 0.08211 0.04567 0.02500  -0.00588 0.02021  5   AIB A N   
63  C CA  . AIB A 4 ? 0.11091 0.08097 0.04869 0.02703  -0.01177 0.00800  5   AIB A CA  
64  C C   . AIB A 4 ? 0.08554 0.08150 0.05027 0.02198  -0.00019 0.02610  5   AIB A C   
65  O O   . AIB A 4 ? 0.08723 0.09627 0.05746 0.02512  -0.00036 0.01059  5   AIB A O   
66  C CB1 . AIB A 4 ? 0.12592 0.11628 0.05479 0.04234  -0.01930 0.00646  5   AIB A CB1 
67  C CB2 . AIB A 4 ? 0.10322 0.07875 0.08315 0.02081  -0.01721 0.00246  5   AIB A CB2 
75  N N   A LEU A 5 ? 0.08693 0.07101 0.04810 0.02223  0.00068  0.02648  6   LEU A N   
76  N N   B LEU A 5 ? 0.08918 0.06895 0.04784 0.01913  0.00175  0.02463  6   LEU A N   
77  C CA  A LEU A 5 ? 0.07624 0.06813 0.04728 0.02103  -0.00636 0.02548  6   LEU A CA  
78  C CA  B LEU A 5 ? 0.08420 0.06406 0.04598 0.01621  -0.00453 0.02326  6   LEU A CA  
79  C C   A LEU A 5 ? 0.08221 0.07726 0.05697 0.02103  -0.00256 0.02398  6   LEU A C   
80  C C   B LEU A 5 ? 0.08933 0.06810 0.05218 0.01635  -0.00010 0.02049  6   LEU A C   
81  O O   A LEU A 5 ? 0.07395 0.08549 0.05974 0.02284  -0.00743 0.02423  6   LEU A O   
82  O O   B LEU A 5 ? 0.08651 0.07020 0.05660 0.01427  -0.00271 0.02417  6   LEU A O   
83  C CB  A LEU A 5 ? 0.08457 0.07207 0.05236 0.02132  -0.00546 0.02920  6   LEU A CB  
84  C CB  B LEU A 5 ? 0.09051 0.07587 0.04707 0.01386  -0.00544 0.03030  6   LEU A CB  
85  C CG  A LEU A 5 ? 0.09199 0.06814 0.06336 0.02323  -0.01601 0.02744  6   LEU A CG  
86  C CG  B LEU A 5 ? 0.09453 0.07800 0.05837 0.01841  -0.00164 0.03563  6   LEU A CG  
87  C CD1 A LEU A 5 ? 0.08666 0.07271 0.07798 0.01126  -0.00598 0.04292  6   LEU A CD1 
88  C CD1 B LEU A 5 ? 0.10693 0.08232 0.06492 0.01591  0.00295  0.04039  6   LEU A CD1 
89  C CD2 A LEU A 5 ? 0.09829 0.08177 0.06964 0.03249  -0.01660 0.02685  6   LEU A CD2 
90  C CD2 B LEU A 5 ? 0.10490 0.07097 0.07296 0.02175  -0.01291 0.03465  6   LEU A CD2 
113 N N   . AIB A 6 ? 0.08147 0.07662 0.06910 0.01464  -0.00042 0.01742  7   AIB A N   
114 C CA  . AIB A 6 ? 0.08364 0.07323 0.08498 0.01272  0.00694  0.00570  7   AIB A CA  
115 C C   . AIB A 6 ? 0.07894 0.05977 0.07816 0.01142  0.00129  0.00941  7   AIB A C   
116 O O   . AIB A 6 ? 0.07359 0.06108 0.08818 0.00746  -0.00247 0.00674  7   AIB A O   
117 C CB1 . AIB A 6 ? 0.10655 0.10611 0.08005 0.01264  0.00330  -0.00142 7   AIB A CB1 
118 C CB2 . AIB A 6 ? 0.09377 0.07246 0.11124 0.02223  0.02419  0.01283  7   AIB A CB2 
126 N N   . GLN A 7 ? 0.07758 0.06106 0.06822 0.01067  -0.00144 0.01750  8   GLN A N   
127 C CA  . GLN A 7 ? 0.07823 0.05687 0.06017 0.01434  -0.00005 0.03007  8   GLN A CA  
128 C C   . GLN A 7 ? 0.07516 0.05173 0.05796 0.00879  -0.00647 0.02101  8   GLN A C   
129 O O   . GLN A 7 ? 0.07706 0.06852 0.05749 0.01227  -0.00613 0.01706  8   GLN A O   
130 C CB  . GLN A 7 ? 0.06956 0.07072 0.05796 0.01016  -0.01007 0.02673  8   GLN A CB  
131 C CG  . GLN A 7 ? 0.08673 0.06306 0.05400 0.00197  -0.00834 0.03059  8   GLN A CG  
132 C CD  . GLN A 7 ? 0.07333 0.06466 0.05714 0.01503  -0.00089 0.01718  8   GLN A CD  
133 O OE1 . GLN A 7 ? 0.07702 0.07659 0.05633 0.02311  -0.00671 0.01907  8   GLN A OE1 
134 N NE2 . GLN A 7 ? 0.09391 0.06301 0.06504 0.00105  0.00291  0.00569  8   GLN A NE2 
143 N N   . AIB A 8 ? 0.08230 0.04859 0.05942 0.00982  -0.01843 0.02380  9   AIB A N   
144 C CA  . AIB A 8 ? 0.08631 0.05634 0.06507 0.01614  -0.01685 0.02534  9   AIB A CA  
145 C C   . AIB A 8 ? 0.08264 0.06593 0.04985 0.01156  -0.01098 0.03006  9   AIB A C   
146 O O   . AIB A 8 ? 0.07805 0.07908 0.07290 0.01569  -0.02020 0.01958  9   AIB A O   
147 C CB1 . AIB A 8 ? 0.09359 0.05770 0.08548 0.02087  -0.01945 0.02160  9   AIB A CB1 
148 C CB2 . AIB A 8 ? 0.10403 0.05887 0.07821 0.01203  -0.01406 0.03524  9   AIB A CB2 
156 N N   A LEU A 9 ? 0.08013 0.06306 0.05010 0.01417  -0.00964 0.02842  10  LEU A N   
157 N N   B LEU A 9 ? 0.09322 0.06149 0.06491 0.00281  -0.01731 0.03041  10  LEU A N   
158 C CA  A LEU A 9 ? 0.08386 0.07639 0.05017 0.01064  -0.02261 0.02584  10  LEU A CA  
159 C CA  B LEU A 9 ? 0.10499 0.06321 0.07038 -0.00521 -0.02449 0.02839  10  LEU A CA  
160 C C   A LEU A 9 ? 0.09015 0.06348 0.05893 0.00035  -0.02649 0.02549  10  LEU A C   
161 C C   B LEU A 9 ? 0.10539 0.06460 0.07320 -0.01582 -0.03202 0.03240  10  LEU A C   
162 O O   A LEU A 9 ? 0.10596 0.06408 0.06575 0.00345  -0.02471 0.02958  10  LEU A O   
163 O O   B LEU A 9 ? 0.11647 0.05629 0.07346 -0.01148 -0.03245 0.02688  10  LEU A O   
164 C CB  A LEU A 9 ? 0.10195 0.06180 0.05411 0.01725  -0.02975 0.01150  10  LEU A CB  
165 C CB  B LEU A 9 ? 0.10615 0.05953 0.07126 -0.00151 -0.02189 0.02032  10  LEU A CB  
166 C CG  A LEU A 9 ? 0.11068 0.07974 0.05097 0.01529  -0.02413 0.02051  10  LEU A CG  
167 C CG  B LEU A 9 ? 0.10702 0.06180 0.06545 0.00283  -0.01439 0.01666  10  LEU A CG  
168 C CD1 A LEU A 9 ? 0.13937 0.10094 0.05611 0.02016  -0.02342 0.02342  10  LEU A CD1 
169 C CD1 B LEU A 9 ? 0.10911 0.06110 0.06417 0.00105  -0.01321 0.01551  10  LEU A CD1 
170 C CD2 A LEU A 9 ? 0.10147 0.07697 0.05808 0.00657  -0.02593 0.02858  10  LEU A CD2 
171 C CD2 B LEU A 9 ? 0.10781 0.06652 0.05244 0.00416  -0.01411 0.01336  10  LEU A CD2 
194 C C11 A I77 B . ? 0.09829 0.07484 0.07596 0.01448  -0.01338 0.04074  101 I77 A C11 
195 C C11 B I77 B . ? 0.14424 0.08245 0.11997 -0.00667 -0.05799 0.03755  101 I77 A C11 
196 C C12 A I77 B . ? 0.08419 0.07001 0.05604 0.00032  -0.01284 0.03496  101 I77 A C12 
197 C C12 B I77 B . ? 0.12762 0.08494 0.12083 -0.01355 -0.05703 0.04202  101 I77 A C12 
198 C C13 A I77 B . ? 0.07362 0.06658 0.07138 0.00481  -0.01365 0.03816  101 I77 A C13 
199 C C13 B I77 B . ? 0.11478 0.09565 0.11460 -0.01923 -0.05047 0.04948  101 I77 A C13 
200 C C17 A I77 B . ? 0.08328 0.07070 0.05330 0.00205  -0.01319 0.03363  101 I77 A C17 
201 C C17 B I77 B . ? 0.13196 0.08161 0.12050 -0.00922 -0.06012 0.03653  101 I77 A C17 
202 C C18 A I77 B . ? 0.07744 0.06499 0.05337 0.00627  -0.00747 0.03360  101 I77 A C18 
203 C C18 B I77 B . ? 0.14062 0.07354 0.11621 -0.00590 -0.06020 0.03014  101 I77 A C18 
204 C C02 A I77 B . ? 0.07984 0.06962 0.06504 0.00921  -0.01432 0.03606  101 I77 A C02 
205 C C02 B I77 B . ? 0.14702 0.09471 0.12419 0.02167  -0.05978 0.02644  101 I77 A C02 
206 C C03 A I77 B . ? 0.08432 0.05768 0.06476 0.00151  -0.02059 0.03093  101 I77 A C03 
207 C C03 B I77 B . ? 0.14757 0.09352 0.11990 0.01765  -0.06178 0.02506  101 I77 A C03 
208 C C04 A I77 B . ? 0.09916 0.07591 0.06863 0.01554  -0.01924 0.03620  101 I77 A C04 
209 C C04 B I77 B . ? 0.15665 0.09270 0.11473 0.01701  -0.06145 0.02424  101 I77 A C04 
210 C C05 A I77 B . ? 0.09308 0.07480 0.06669 0.01781  -0.01889 0.03408  101 I77 A C05 
211 C C05 B I77 B . ? 0.15802 0.08983 0.10550 0.01292  -0.06243 0.01997  101 I77 A C05 
212 C C06 A I77 B . ? 0.08679 0.07205 0.08600 0.00643  -0.02660 0.03481  101 I77 A C06 
213 C C06 B I77 B . ? 0.14848 0.09453 0.11916 0.01614  -0.06397 0.02369  101 I77 A C06 
214 C C08 A I77 B . ? 0.08125 0.06101 0.07503 0.00204  -0.02452 0.03308  101 I77 A C08 
215 C C08 B I77 B . ? 0.15196 0.08271 0.10841 0.00600  -0.06389 0.02122  101 I77 A C08 
216 C C09 A I77 B . ? 0.08252 0.05698 0.06331 0.00019  -0.01455 0.03315  101 I77 A C09 
217 C C09 B I77 B . ? 0.14937 0.07596 0.11295 -0.00091 -0.05999 0.02793  101 I77 A C09 
218 N N01 A I77 B . ? 0.09285 0.08257 0.06400 0.01788  -0.01516 0.03576  101 I77 A N01 
219 N N01 B I77 B . ? 0.15114 0.09926 0.12653 0.02408  -0.05959 0.02839  101 I77 A N01 
220 N N07 A I77 B . ? 0.09606 0.07716 0.07571 0.00624  -0.03310 0.03182  101 I77 A N07 
221 N N07 B I77 B . ? 0.15227 0.09171 0.11501 0.01236  -0.06467 0.02295  101 I77 A N07 
222 N N10 A I77 B . ? 0.11471 0.07259 0.07803 0.01723  -0.01320 0.03553  101 I77 A N10 
223 N N10 B I77 B . ? 0.15426 0.08272 0.11926 -0.00026 -0.05848 0.03423  101 I77 A N10 
224 N N14 A I77 B . ? 0.06360 0.06500 0.06827 0.00027  -0.01272 0.03776  101 I77 A N14 
225 N N14 B I77 B . ? 0.08393 0.09342 0.09244 -0.02506 -0.04427 0.04059  101 I77 A N14 
226 N N15 A I77 B . ? 0.06257 0.06780 0.06925 -0.00517 -0.02125 0.03629  101 I77 A N15 
227 N N15 B I77 B . ? 0.07165 0.08225 0.07822 -0.03257 -0.03619 0.04006  101 I77 A N15 
228 O O16 A I77 B . ? 0.08353 0.10277 0.09061 0.01397  -0.00676 0.05394  101 I77 A O16 
229 O O16 B I77 B . ? 0.13070 0.10170 0.12582 -0.01591 -0.04640 0.05730  101 I77 A O16 
230 O O19 A I77 B . ? 0.09502 0.07496 0.06742 0.01813  -0.02036 0.03366  101 I77 A O19 
231 O O19 B I77 B . ? 0.14231 0.09797 0.12876 0.02356  -0.05769 0.02980  101 I77 A O19 
252 C C05 A I6W C . ? 0.07611 0.06287 0.05999 0.00723  -0.02090 0.02926  102 I6W A C05 
253 C C05 B I6W C . ? 0.14321 0.14639 0.19741 -0.05966 -0.08408 0.05441  102 I6W A C05 
254 C C08 A I6W C . ? 0.08565 0.08022 0.05616 0.01150  -0.02113 0.03087  102 I6W A C08 
255 C C08 B I6W C . ? 0.15536 0.15974 0.21269 -0.05809 -0.09565 0.05768  102 I6W A C08 
256 C C09 A I6W C . ? 0.08833 0.08208 0.06872 0.00993  -0.02736 0.03310  102 I6W A C09 
257 C C09 B I6W C . ? 0.18153 0.18135 0.24273 -0.05434 -0.11431 0.06932  102 I6W A C09 
258 N N10 A I6W C . ? 0.09047 0.06342 0.06658 -0.00394 -0.02964 0.02939  102 I6W A N10 
259 N N10 B I6W C . ? 0.19078 0.18996 0.25661 -0.05303 -0.12140 0.07445  102 I6W A N10 
260 C C02 A I6W C . ? 0.07937 0.08217 0.04777 0.01832  -0.01204 0.02707  102 I6W A C02 
261 C C02 B I6W C . ? 0.13518 0.12812 0.12535 -0.03743 -0.06559 0.02064  102 I6W A C02 
262 C C03 A I6W C . ? 0.08524 0.08030 0.05094 0.01606  -0.01576 0.02878  102 I6W A C03 
263 C C03 B I6W C . ? 0.13351 0.13985 0.16513 -0.04801 -0.07757 0.03817  102 I6W A C03 
264 C C04 A I6W C . ? 0.07459 0.06843 0.05748 0.01058  -0.01684 0.03107  102 I6W A C04 
265 C C04 B I6W C . ? 0.13858 0.14133 0.17704 -0.05619 -0.08034 0.04573  102 I6W A C04 
266 C C06 A I6W C . ? 0.09502 0.10434 0.05503 0.01737  -0.01857 0.03131  102 I6W A C06 
267 C C06 B I6W C . ? 0.13917 0.14895 0.18549 -0.05022 -0.08538 0.04460  102 I6W A C06 
268 C C11 A I6W C . ? 0.07957 0.06200 0.07538 -0.00531 -0.03248 0.02965  102 I6W A C11 
269 C C11 B I6W C . ? 0.20373 0.19875 0.27000 -0.05027 -0.12592 0.08068  102 I6W A C11 
270 C C12 A I6W C . ? 0.07714 0.07707 0.07394 0.00296  -0.03118 0.03165  102 I6W A C12 
271 C C12 B I6W C . ? 0.20960 0.20591 0.28104 -0.04813 -0.13259 0.08223  102 I6W A C12 
272 C C13 A I6W C . ? 0.09305 0.08173 0.07564 0.00831  -0.03063 0.03433  102 I6W A C13 
273 C C13 B I6W C . ? 0.22854 0.22145 0.30198 -0.04168 -0.14165 0.08905  102 I6W A C13 
274 C C15 A I6W C . ? 0.10387 0.07648 0.07614 0.00382  -0.03299 0.03316  102 I6W A C15 
275 C C15 B I6W C . ? 0.26131 0.23836 0.32608 -0.03168 -0.15426 0.09560  102 I6W A C15 
276 C C16 A I6W C . ? 0.11694 0.08236 0.07428 0.01512  -0.03066 0.03164  102 I6W A C16 
277 C C16 B I6W C . ? 0.27106 0.24241 0.33163 -0.02883 -0.15581 0.09781  102 I6W A C16 
278 C C18 A I6W C . ? 0.10742 0.09726 0.07441 0.02460  -0.02560 0.03561  102 I6W A C18 
279 C C18 B I6W C . ? 0.20283 0.19846 0.26996 -0.05065 -0.12855 0.07796  102 I6W A C18 
280 C C19 A I6W C . ? 0.10969 0.09712 0.06986 0.02732  -0.02459 0.03111  102 I6W A C19 
281 C C19 B I6W C . ? 0.19441 0.18904 0.26046 -0.05247 -0.12112 0.07495  102 I6W A C19 
282 N N07 A I6W C . ? 0.09570 0.10500 0.05658 0.01821  -0.01981 0.03131  102 I6W A N07 
283 N N07 B I6W C . ? 0.14619 0.15486 0.19900 -0.05523 -0.08945 0.05234  102 I6W A N07 
284 O O01 A I6W C . ? 0.08901 0.09776 0.04989 0.02911  -0.01263 0.02266  102 I6W A O01 
285 O O01 B I6W C . ? 0.15448 0.12906 0.11616 -0.03845 -0.06664 0.01563  102 I6W A O01 
286 O O14 A I6W C . ? 0.08742 0.07199 0.07152 0.00368  -0.03005 0.03149  102 I6W A O14 
287 O O14 B I6W C . ? 0.24682 0.23116 0.31422 -0.03577 -0.14944 0.09097  102 I6W A O14 
288 O O17 A I6W C . ? 0.12336 0.10985 0.08104 0.02695  -0.02157 0.04329  102 I6W A O17 
289 O O17 B I6W C . ? 0.23209 0.22396 0.30897 -0.03941 -0.14231 0.09326  102 I6W A O17 
312 C C   . MBN D . ? 0.17911 0.23615 0.25625 -0.02731 -0.01061 -0.10876 103 MBN A C   
313 C C1  . MBN D . ? 0.16347 0.23612 0.20515 -0.02960 0.00625  -0.12414 103 MBN A C1  
314 C C2  . MBN D . ? 0.16498 0.24032 0.20267 -0.02850 0.01059  -0.11931 103 MBN A C2  
315 C C3  . MBN D . ? 0.17236 0.24832 0.20567 -0.02228 0.00977  -0.11976 103 MBN A C3  
316 C C4  . MBN D . ? 0.15886 0.25682 0.21183 -0.02159 0.01794  -0.11067 103 MBN A C4  
317 C C5  . MBN D . ? 0.15737 0.26963 0.20507 -0.01799 0.02339  -0.10635 103 MBN A C5  
318 C C6  . MBN D . ? 0.16656 0.25443 0.21441 -0.01822 0.01037  -0.11438 103 MBN A C6  
327 C C   A MBN E . ? 0.15763 0.10608 0.09777 0.03120  -0.02599 0.02812  104 MBN A C   
328 C C   B MBN E . ? 0.11210 0.12347 0.09010 0.01817  -0.02838 0.03033  104 MBN A C   
329 C C1  A MBN E . ? 0.13905 0.10567 0.08107 0.02099  -0.02099 0.02798  104 MBN A C1  
330 C C1  B MBN E . ? 0.11736 0.11632 0.08074 0.01730  -0.02852 0.02777  104 MBN A C1  
331 C C2  A MBN E . ? 0.12779 0.11207 0.08515 0.02185  -0.01607 0.03807  104 MBN A C2  
332 C C2  B MBN E . ? 0.12721 0.12857 0.08816 0.01901  -0.04149 0.02574  104 MBN A C2  
333 C C3  A MBN E . ? 0.12490 0.10056 0.08557 0.02248  -0.01702 0.03046  104 MBN A C3  
334 C C3  B MBN E . ? 0.13915 0.13823 0.08764 0.02666  -0.03505 0.02870  104 MBN A C3  
335 C C4  A MBN E . ? 0.11795 0.09089 0.08491 0.01697  -0.02105 0.02533  104 MBN A C4  
336 C C4  B MBN E . ? 0.14289 0.12837 0.08573 0.03105  -0.02446 0.03089  104 MBN A C4  
337 C C5  A MBN E . ? 0.10653 0.09177 0.09117 0.01497  -0.03045 0.02222  104 MBN A C5  
338 C C5  B MBN E . ? 0.13138 0.12170 0.08485 0.02673  -0.01882 0.03259  104 MBN A C5  
339 C C6  A MBN E . ? 0.12528 0.09721 0.09101 0.01965  -0.02846 0.02452  104 MBN A C6  
340 C C6  B MBN E . ? 0.12897 0.11293 0.07474 0.01975  -0.02506 0.02477  104 MBN A C6  
357 C C   A MBN F . ? 0.12253 0.33711 0.17335 0.03330  0.04272  0.07050  105 MBN A C   
358 C C   B MBN F . ? 0.23097 0.27774 0.21421 0.06638  -0.08089 -0.12134 105 MBN A C   
359 C C   C MBN F . ? 0.18293 0.16679 0.07457 0.02593  0.01164  0.02174  105 MBN A C   
360 C C1  A MBN F . ? 0.12227 0.33758 0.17113 0.03325  0.03072  0.06404  105 MBN A C1  
361 C C1  B MBN F . ? 0.23512 0.27795 0.21222 0.06764  -0.08193 -0.12295 105 MBN A C1  
362 C C1  C MBN F . ? 0.18232 0.16778 0.07580 0.02477  0.00998  0.02383  105 MBN A C1  
363 C C2  A MBN F . ? 0.12830 0.33368 0.18277 0.03365  0.02622  0.06512  105 MBN A C2  
364 C C2  B MBN F . ? 0.23546 0.27755 0.20942 0.06744  -0.08176 -0.12435 105 MBN A C2  
365 C C2  C MBN F . ? 0.17621 0.16635 0.08234 0.02293  0.01491  0.02921  105 MBN A C2  
366 C C3  A MBN F . ? 0.13321 0.33407 0.18761 0.03463  0.01671  0.06512  105 MBN A C3  
367 C C3  B MBN F . ? 0.23613 0.27763 0.21146 0.06815  -0.08136 -0.12372 105 MBN A C3  
368 C C3  C MBN F . ? 0.17531 0.16493 0.08797 0.02387  0.01291  0.02765  105 MBN A C3  
369 C C4  A MBN F . ? 0.13246 0.33491 0.18693 0.03061  0.01438  0.06622  105 MBN A C4  
370 C C4  B MBN F . ? 0.23697 0.28054 0.21827 0.06929  -0.08092 -0.11962 105 MBN A C4  
371 C C4  C MBN F . ? 0.17955 0.16629 0.08406 0.02565  0.01061  0.02438  105 MBN A C4  
372 C C5  A MBN F . ? 0.11463 0.33871 0.19637 0.02758  0.01521  0.07195  105 MBN A C5  
373 C C5  B MBN F . ? 0.23588 0.28274 0.22123 0.06921  -0.08179 -0.11719 105 MBN A C5  
374 C C5  C MBN F . ? 0.18429 0.16702 0.07570 0.02592  0.01044  0.02145  105 MBN A C5  
375 C C6  A MBN F . ? 0.10762 0.34464 0.18403 0.02441  0.02013  0.07592  105 MBN A C6  
376 C C6  B MBN F . ? 0.23473 0.28214 0.21775 0.06821  -0.08272 -0.11894 105 MBN A C6  
377 C C6  C MBN F . ? 0.18449 0.16781 0.06916 0.02516  0.00921  0.02009  105 MBN A C6  
402 C C   A MBN G . ? 0.67970 0.26975 0.48862 -0.06404 -0.11896 0.15140  106 MBN A C   
403 C C   B MBN G . ? 0.14879 0.14296 0.15475 0.00379  -0.00793 0.01640  106 MBN A C   
404 C C1  A MBN G . ? 0.68104 0.26966 0.48866 -0.06407 -0.12112 0.15056  106 MBN A C1  
405 C C1  B MBN G . ? 0.14363 0.13508 0.14166 0.00559  0.00156  0.01427  106 MBN A C1  
406 C C2  A MBN G . ? 0.68293 0.27029 0.49049 -0.06375 -0.12382 0.15047  106 MBN A C2  
407 C C2  B MBN G . ? 0.12136 0.12864 0.12598 0.00179  0.01300  0.01464  106 MBN A C2  
408 C C3  A MBN G . ? 0.68113 0.27124 0.49148 -0.06477 -0.12492 0.15145  106 MBN A C3  
409 C C3  B MBN G . ? 0.10471 0.12713 0.11206 0.00953  0.02943  0.01178  106 MBN A C3  
410 C C4  A MBN G . ? 0.67995 0.27198 0.49052 -0.06515 -0.12597 0.15189  106 MBN A C4  
411 C C4  B MBN G . ? 0.11983 0.12239 0.13328 0.00739  0.01418  0.00935  106 MBN A C4  
412 C C5  A MBN G . ? 0.67996 0.27122 0.48840 -0.06449 -0.12489 0.15119  106 MBN A C5  
413 C C5  B MBN G . ? 0.13699 0.13358 0.14876 0.01246  0.00193  0.01385  106 MBN A C5  
414 C C6  A MBN G . ? 0.67979 0.27017 0.48671 -0.06426 -0.12243 0.15062  106 MBN A C6  
415 C C6  B MBN G . ? 0.14995 0.13700 0.14835 0.01531  -0.00238 0.01446  106 MBN A C6  
# 
